data_6MDY
#
_entry.id   6MDY
#
_cell.length_a   71.520
_cell.length_b   87.320
_cell.length_c   160.520
_cell.angle_alpha   90.000
_cell.angle_beta   90.000
_cell.angle_gamma   90.000
#
_symmetry.space_group_name_H-M   'P 21 21 21'
#
loop_
_entity.id
_entity.type
_entity.pdbx_description
1 polymer '2-dehydro-3-deoxyphosphooctonate aldolase'
2 water water
#
_entity_poly.entity_id   1
_entity_poly.type   'polypeptide(L)'
_entity_poly.pdbx_seq_one_letter_code
;MAHHHHHHMRLCGFEAGLDKPLFLIAGPCVIESEELALETAGYLKEMCSQLNIPFIYKSSFDKANRSSISSYRGPGFEKG
LSILEKVKSQIGVPVLTDVHEDTPLFEVSSVVDVLQTPAFLCRQTNFIQKVAAMNKPVNIKKGQFLAPWEMKHVIAKAKA
QGNEQIMACERGVSFGYNNLVSDMRSLVIMRETGCPVVYDATHSVQLPGGNNGVSGGQREFIPALARAAVAVGISGLFME
THPDPDKALSDGPNSWPLDKMKQLLESLKAADEVYKKYSTDF
;
_entity_poly.pdbx_strand_id   A,B,C,D
#
# COMPACT_ATOMS: atom_id res chain seq x y z
N HIS A 8 -2.23 14.42 30.32
CA HIS A 8 -3.15 15.48 30.72
C HIS A 8 -2.75 16.84 30.10
N MET A 9 -3.62 17.37 29.23
CA MET A 9 -3.41 18.64 28.56
C MET A 9 -4.65 19.53 28.71
N ARG A 10 -4.45 20.83 28.91
CA ARG A 10 -5.55 21.78 28.99
C ARG A 10 -5.78 22.42 27.63
N LEU A 11 -7.05 22.68 27.31
CA LEU A 11 -7.43 23.11 25.98
C LEU A 11 -8.81 23.74 26.03
N CYS A 12 -8.90 25.04 25.74
CA CYS A 12 -10.19 25.73 25.58
C CYS A 12 -11.10 25.54 26.80
N GLY A 13 -10.51 25.61 27.98
CA GLY A 13 -11.28 25.55 29.21
C GLY A 13 -11.59 24.14 29.71
N PHE A 14 -11.24 23.10 28.95
CA PHE A 14 -11.40 21.73 29.42
C PHE A 14 -10.09 20.99 29.24
N GLU A 15 -10.01 19.80 29.82
CA GLU A 15 -8.82 18.97 29.74
C GLU A 15 -9.04 17.84 28.74
N ALA A 16 -8.00 17.58 27.95
CA ALA A 16 -8.06 16.56 26.91
C ALA A 16 -7.05 15.46 27.21
N GLY A 17 -7.49 14.22 27.01
CA GLY A 17 -6.64 13.07 27.29
C GLY A 17 -7.34 11.73 27.17
N LEU A 18 -6.54 10.67 27.05
CA LEU A 18 -7.08 9.32 26.92
C LEU A 18 -8.01 8.96 28.07
N ASP A 19 -7.75 9.48 29.26
CA ASP A 19 -8.55 9.22 30.46
C ASP A 19 -9.58 10.30 30.74
N LYS A 20 -9.65 11.33 29.93
CA LYS A 20 -10.57 12.43 30.10
C LYS A 20 -11.81 12.20 29.25
N PRO A 21 -12.90 12.91 29.52
CA PRO A 21 -14.08 12.76 28.65
C PRO A 21 -13.74 13.06 27.20
N LEU A 22 -14.33 12.30 26.29
CA LEU A 22 -14.09 12.51 24.87
C LEU A 22 -14.63 13.87 24.45
N PHE A 23 -13.85 14.60 23.67
CA PHE A 23 -14.29 15.89 23.14
C PHE A 23 -14.47 15.81 21.63
N LEU A 24 -15.15 16.83 21.08
CA LEU A 24 -15.52 16.85 19.67
C LEU A 24 -15.11 18.18 19.03
N ILE A 25 -14.37 18.09 17.93
CA ILE A 25 -14.17 19.19 16.99
C ILE A 25 -15.08 18.91 15.79
N ALA A 26 -16.02 19.80 15.51
CA ALA A 26 -16.93 19.55 14.41
C ALA A 26 -17.38 20.86 13.81
N GLY A 27 -17.86 20.78 12.57
CA GLY A 27 -18.34 21.91 11.81
C GLY A 27 -18.35 21.59 10.34
N PRO A 28 -18.84 22.51 9.51
CA PRO A 28 -18.83 22.29 8.06
C PRO A 28 -17.42 22.44 7.50
N CYS A 29 -17.25 21.95 6.26
CA CYS A 29 -15.93 22.02 5.63
C CYS A 29 -15.49 23.47 5.43
N VAL A 30 -16.26 24.23 4.66
CA VAL A 30 -15.94 25.62 4.39
C VAL A 30 -17.09 26.47 4.89
N ILE A 31 -16.78 27.70 5.30
CA ILE A 31 -17.80 28.64 5.72
C ILE A 31 -18.64 29.01 4.50
N GLU A 32 -19.95 28.72 4.56
CA GLU A 32 -20.86 29.07 3.47
C GLU A 32 -21.42 30.47 3.68
N SER A 33 -22.35 30.61 4.62
CA SER A 33 -22.94 31.89 4.97
C SER A 33 -22.80 32.11 6.46
N GLU A 34 -22.75 33.39 6.84
CA GLU A 34 -22.79 33.75 8.26
C GLU A 34 -24.04 33.17 8.92
N GLU A 35 -25.17 33.16 8.21
CA GLU A 35 -26.39 32.59 8.75
C GLU A 35 -26.23 31.10 9.02
N LEU A 36 -25.65 30.36 8.08
CA LEU A 36 -25.50 28.92 8.26
C LEU A 36 -24.49 28.61 9.36
N ALA A 37 -23.41 29.38 9.44
CA ALA A 37 -22.39 29.14 10.46
C ALA A 37 -22.95 29.31 11.86
N LEU A 38 -23.74 30.36 12.09
CA LEU A 38 -24.30 30.56 13.43
C LEU A 38 -25.33 29.48 13.75
N GLU A 39 -26.13 29.07 12.76
CA GLU A 39 -27.08 28.00 13.00
C GLU A 39 -26.37 26.68 13.29
N THR A 40 -25.36 26.35 12.48
CA THR A 40 -24.63 25.09 12.67
C THR A 40 -23.88 25.07 14.00
N ALA A 41 -23.13 26.15 14.30
CA ALA A 41 -22.39 26.20 15.55
C ALA A 41 -23.31 26.15 16.76
N GLY A 42 -24.42 26.90 16.69
CA GLY A 42 -25.38 26.86 17.79
C GLY A 42 -26.03 25.50 17.97
N TYR A 43 -26.32 24.82 16.85
CA TYR A 43 -26.91 23.49 16.93
C TYR A 43 -25.95 22.49 17.56
N LEU A 44 -24.69 22.50 17.12
CA LEU A 44 -23.71 21.58 17.69
C LEU A 44 -23.45 21.89 19.16
N LYS A 45 -23.50 23.17 19.54
CA LYS A 45 -23.30 23.53 20.94
C LYS A 45 -24.39 22.95 21.84
N GLU A 46 -25.66 23.05 21.41
CA GLU A 46 -26.76 22.55 22.25
C GLU A 46 -26.71 21.03 22.35
N MET A 47 -26.44 20.36 21.24
CA MET A 47 -26.33 18.91 21.26
C MET A 47 -25.17 18.44 22.12
N CYS A 48 -24.01 19.06 21.98
CA CYS A 48 -22.83 18.63 22.74
C CYS A 48 -22.99 18.93 24.22
N SER A 49 -23.63 20.05 24.56
CA SER A 49 -23.85 20.37 25.97
C SER A 49 -24.77 19.34 26.63
N GLN A 50 -25.83 18.93 25.94
CA GLN A 50 -26.76 17.95 26.50
C GLN A 50 -26.16 16.55 26.60
N LEU A 51 -25.09 16.27 25.86
CA LEU A 51 -24.42 14.98 25.95
C LEU A 51 -23.12 15.06 26.74
N ASN A 52 -22.82 16.22 27.32
CA ASN A 52 -21.64 16.40 28.16
C ASN A 52 -20.35 16.17 27.39
N ILE A 53 -20.30 16.66 26.16
CA ILE A 53 -19.12 16.52 25.31
C ILE A 53 -18.50 17.90 25.15
N PRO A 54 -17.26 18.11 25.59
CA PRO A 54 -16.60 19.39 25.31
C PRO A 54 -16.50 19.60 23.81
N PHE A 55 -16.78 20.83 23.36
CA PHE A 55 -17.00 21.09 21.95
C PHE A 55 -16.15 22.24 21.44
N ILE A 56 -15.56 22.04 20.25
CA ILE A 56 -14.87 23.10 19.52
C ILE A 56 -15.41 23.16 18.10
N TYR A 57 -15.88 24.34 17.70
CA TYR A 57 -16.38 24.53 16.35
C TYR A 57 -15.22 24.77 15.39
N LYS A 58 -15.33 24.22 14.18
CA LYS A 58 -14.31 24.39 13.17
C LYS A 58 -14.93 24.78 11.83
N SER A 59 -14.20 25.60 11.08
CA SER A 59 -14.53 25.88 9.68
C SER A 59 -13.33 26.54 9.04
N SER A 60 -13.18 26.33 7.73
CA SER A 60 -12.06 26.85 6.97
C SER A 60 -12.52 27.85 5.92
N PHE A 61 -11.53 28.51 5.32
CA PHE A 61 -11.76 29.45 4.23
C PHE A 61 -11.62 28.73 2.89
N PRO A 75 -16.90 33.60 0.04
CA PRO A 75 -16.54 34.17 1.34
C PRO A 75 -15.08 34.63 1.39
N GLY A 76 -14.86 35.95 1.42
CA GLY A 76 -13.51 36.47 1.43
C GLY A 76 -12.77 36.16 2.71
N PHE A 77 -11.44 36.30 2.65
CA PHE A 77 -10.60 36.02 3.82
C PHE A 77 -10.92 36.96 4.97
N GLU A 78 -11.12 38.25 4.68
CA GLU A 78 -11.48 39.20 5.72
C GLU A 78 -12.89 38.90 6.24
N LYS A 79 -13.83 38.60 5.35
CA LYS A 79 -15.20 38.35 5.78
C LYS A 79 -15.31 37.05 6.58
N GLY A 80 -14.56 36.02 6.16
CA GLY A 80 -14.59 34.76 6.89
C GLY A 80 -14.06 34.89 8.32
N LEU A 81 -13.05 35.73 8.52
CA LEU A 81 -12.50 35.92 9.87
C LEU A 81 -13.51 36.52 10.83
N SER A 82 -14.32 37.48 10.37
CA SER A 82 -15.31 38.07 11.27
C SER A 82 -16.44 37.10 11.56
N ILE A 83 -16.81 36.27 10.57
CA ILE A 83 -17.86 35.30 10.80
C ILE A 83 -17.44 34.32 11.88
N LEU A 84 -16.18 33.90 11.88
CA LEU A 84 -15.70 33.05 12.96
C LEU A 84 -15.65 33.85 14.27
N GLU A 85 -15.28 35.13 14.17
CA GLU A 85 -15.28 36.01 15.32
C GLU A 85 -16.70 36.20 15.86
N LYS A 86 -17.68 36.29 14.97
CA LYS A 86 -19.06 36.41 15.41
C LYS A 86 -19.58 35.10 16.00
N VAL A 87 -19.17 33.96 15.44
CA VAL A 87 -19.54 32.67 16.03
C VAL A 87 -18.98 32.55 17.44
N LYS A 88 -17.69 32.80 17.58
CA LYS A 88 -17.04 32.72 18.88
C LYS A 88 -17.76 33.57 19.92
N SER A 89 -18.21 34.76 19.52
CA SER A 89 -18.79 35.71 20.46
C SER A 89 -20.28 35.51 20.66
N GLN A 90 -21.04 35.29 19.59
CA GLN A 90 -22.49 35.12 19.70
C GLN A 90 -22.84 33.74 20.24
N ILE A 91 -22.23 32.69 19.68
CA ILE A 91 -22.52 31.33 20.12
C ILE A 91 -21.75 30.98 21.38
N GLY A 92 -20.60 31.60 21.62
CA GLY A 92 -19.83 31.30 22.81
C GLY A 92 -19.19 29.93 22.76
N VAL A 93 -18.44 29.64 21.70
CA VAL A 93 -17.72 28.38 21.58
C VAL A 93 -16.29 28.63 21.16
N PRO A 94 -15.35 27.74 21.46
CA PRO A 94 -14.01 27.85 20.87
C PRO A 94 -14.07 27.53 19.39
N VAL A 95 -13.22 28.20 18.62
CA VAL A 95 -13.23 28.02 17.17
C VAL A 95 -11.85 27.58 16.71
N LEU A 96 -11.85 26.74 15.67
CA LEU A 96 -10.64 26.16 15.08
C LEU A 96 -10.64 26.38 13.58
N THR A 97 -9.44 26.56 13.01
CA THR A 97 -9.23 26.63 11.57
C THR A 97 -7.80 26.24 11.26
N ASP A 98 -7.60 25.87 9.99
CA ASP A 98 -6.28 25.67 9.41
C ASP A 98 -5.65 26.94 8.89
N VAL A 99 -4.32 26.88 8.81
CA VAL A 99 -3.42 27.90 8.29
C VAL A 99 -2.46 27.19 7.34
N HIS A 100 -2.02 27.91 6.33
CA HIS A 100 -1.08 27.43 5.33
C HIS A 100 0.22 28.19 5.49
N GLU A 101 1.18 27.87 4.63
CA GLU A 101 2.48 28.53 4.68
C GLU A 101 2.37 30.03 4.42
N ASP A 102 1.33 30.47 3.72
CA ASP A 102 1.12 31.87 3.40
C ASP A 102 -0.01 32.50 4.22
N THR A 103 -0.49 31.83 5.25
CA THR A 103 -1.51 32.40 6.11
C THR A 103 -0.89 33.48 6.99
N PRO A 104 -1.49 34.68 7.09
CA PRO A 104 -1.01 35.64 8.10
C PRO A 104 -1.39 35.19 9.49
N LEU A 105 -0.42 34.64 10.23
CA LEU A 105 -0.71 33.96 11.48
C LEU A 105 -1.26 34.91 12.54
N PHE A 106 -0.68 36.12 12.67
CA PHE A 106 -1.12 37.00 13.74
C PHE A 106 -2.57 37.41 13.56
N GLU A 107 -2.98 37.67 12.31
CA GLU A 107 -4.38 38.06 12.08
C GLU A 107 -5.31 36.90 12.40
N VAL A 108 -4.99 35.70 11.92
CA VAL A 108 -5.79 34.52 12.23
C VAL A 108 -5.71 34.20 13.71
N SER A 109 -4.50 34.24 14.28
CA SER A 109 -4.32 33.87 15.68
C SER A 109 -5.05 34.80 16.63
N SER A 110 -5.30 36.04 16.21
CA SER A 110 -6.01 37.01 17.05
C SER A 110 -7.51 36.78 17.08
N VAL A 111 -8.03 35.82 16.33
CA VAL A 111 -9.46 35.53 16.28
C VAL A 111 -9.76 34.12 16.80
N VAL A 112 -9.04 33.12 16.29
CA VAL A 112 -9.42 31.74 16.57
C VAL A 112 -8.80 31.26 17.88
N ASP A 113 -9.29 30.13 18.39
CA ASP A 113 -8.82 29.54 19.62
C ASP A 113 -7.86 28.38 19.40
N VAL A 114 -8.01 27.64 18.29
CA VAL A 114 -7.18 26.47 18.01
C VAL A 114 -6.70 26.57 16.56
N LEU A 115 -5.39 26.48 16.36
CA LEU A 115 -4.82 26.39 15.03
C LEU A 115 -4.70 24.92 14.63
N GLN A 116 -4.77 24.69 13.32
CA GLN A 116 -4.64 23.34 12.78
C GLN A 116 -3.77 23.39 11.54
N THR A 117 -2.82 22.45 11.43
CA THR A 117 -1.97 22.34 10.25
C THR A 117 -2.47 21.22 9.35
N PRO A 118 -2.71 21.49 8.07
CA PRO A 118 -3.25 20.45 7.17
C PRO A 118 -2.24 19.32 6.97
N ALA A 119 -2.80 18.16 6.61
CA ALA A 119 -2.00 16.93 6.53
C ALA A 119 -0.83 17.06 5.57
N PHE A 120 -1.03 17.78 4.45
CA PHE A 120 0.02 17.83 3.44
C PHE A 120 1.21 18.70 3.86
N LEU A 121 1.11 19.41 4.99
CA LEU A 121 2.17 20.27 5.49
C LEU A 121 2.90 19.70 6.71
N CYS A 122 2.56 18.47 7.12
CA CYS A 122 3.08 17.93 8.38
C CYS A 122 4.60 17.79 8.37
N ARG A 123 5.22 17.65 7.20
CA ARG A 123 6.67 17.58 7.13
C ARG A 123 7.37 18.92 6.97
N GLN A 124 6.63 20.03 6.86
CA GLN A 124 7.25 21.36 6.76
C GLN A 124 7.56 21.88 8.17
N THR A 125 8.70 21.43 8.71
CA THR A 125 9.03 21.71 10.11
C THR A 125 9.09 23.21 10.36
N ASN A 126 9.76 23.95 9.48
CA ASN A 126 9.86 25.39 9.61
C ASN A 126 8.48 26.03 9.74
N PHE A 127 7.51 25.54 8.98
CA PHE A 127 6.16 26.09 9.08
C PHE A 127 5.47 25.64 10.37
N ILE A 128 5.62 24.36 10.75
CA ILE A 128 4.99 23.89 11.98
C ILE A 128 5.46 24.70 13.18
N GLN A 129 6.77 24.99 13.25
CA GLN A 129 7.28 25.74 14.39
C GLN A 129 6.75 27.17 14.40
N LYS A 130 6.57 27.79 13.23
CA LYS A 130 6.00 29.13 13.20
C LYS A 130 4.57 29.12 13.73
N VAL A 131 3.82 28.07 13.43
CA VAL A 131 2.45 27.93 13.93
C VAL A 131 2.46 27.75 15.44
N ALA A 132 3.31 26.84 15.94
CA ALA A 132 3.38 26.58 17.37
C ALA A 132 3.90 27.80 18.13
N ALA A 133 4.68 28.68 17.48
CA ALA A 133 5.19 29.85 18.17
C ALA A 133 4.11 30.86 18.51
N MET A 134 2.90 30.70 18.00
CA MET A 134 1.78 31.56 18.38
C MET A 134 1.24 31.23 19.76
N ASN A 135 1.73 30.15 20.38
CA ASN A 135 1.41 29.75 21.75
C ASN A 135 -0.07 29.47 21.95
N LYS A 136 -0.74 29.06 20.90
CA LYS A 136 -2.10 28.54 20.96
CA LYS A 136 -2.10 28.54 20.95
C LYS A 136 -2.08 27.04 20.85
N PRO A 137 -3.18 26.37 21.17
CA PRO A 137 -3.26 24.93 20.89
C PRO A 137 -3.20 24.69 19.39
N VAL A 138 -2.52 23.61 19.00
CA VAL A 138 -2.36 23.27 17.59
C VAL A 138 -2.77 21.82 17.38
N ASN A 139 -3.70 21.60 16.45
CA ASN A 139 -4.06 20.27 15.98
C ASN A 139 -3.22 19.96 14.73
N ILE A 140 -2.23 19.09 14.88
CA ILE A 140 -1.32 18.73 13.79
C ILE A 140 -1.84 17.46 13.13
N LYS A 141 -2.26 17.57 11.89
CA LYS A 141 -2.79 16.43 11.16
C LYS A 141 -1.66 15.62 10.53
N LYS A 142 -1.69 14.31 10.76
CA LYS A 142 -0.71 13.40 10.19
C LYS A 142 -0.97 13.25 8.69
N GLY A 143 0.08 13.34 7.88
CA GLY A 143 -0.08 13.13 6.46
C GLY A 143 -0.36 11.68 6.12
N GLN A 144 -1.15 11.47 5.07
CA GLN A 144 -1.46 10.14 4.57
C GLN A 144 -0.22 9.39 4.10
N PHE A 145 0.91 10.08 3.97
CA PHE A 145 2.17 9.53 3.54
C PHE A 145 3.12 9.27 4.71
N LEU A 146 2.62 9.41 5.94
CA LEU A 146 3.43 9.29 7.14
C LEU A 146 3.15 7.99 7.88
N ALA A 147 4.20 7.37 8.38
CA ALA A 147 4.05 6.29 9.32
C ALA A 147 3.83 6.86 10.73
N PRO A 148 3.07 6.15 11.57
CA PRO A 148 2.74 6.71 12.90
C PRO A 148 3.94 7.13 13.73
N TRP A 149 5.01 6.33 13.71
CA TRP A 149 6.21 6.64 14.46
C TRP A 149 6.88 7.93 13.99
N GLU A 150 6.58 8.36 12.76
CA GLU A 150 7.16 9.62 12.31
C GLU A 150 6.50 10.82 13.00
N MET A 151 5.30 10.65 13.56
CA MET A 151 4.67 11.79 14.24
C MET A 151 5.42 12.16 15.52
N LYS A 152 6.12 11.20 16.13
CA LYS A 152 6.97 11.52 17.26
C LYS A 152 7.95 12.64 16.89
N HIS A 153 8.54 12.54 15.70
CA HIS A 153 9.53 13.53 15.28
C HIS A 153 8.87 14.86 14.93
N VAL A 154 7.71 14.81 14.27
CA VAL A 154 6.98 16.04 13.93
C VAL A 154 6.55 16.78 15.20
N ILE A 155 5.95 16.05 16.14
CA ILE A 155 5.44 16.68 17.35
C ILE A 155 6.58 17.17 18.25
N ALA A 156 7.67 16.40 18.31
CA ALA A 156 8.78 16.80 19.17
C ALA A 156 9.36 18.14 18.74
N LYS A 157 9.56 18.33 17.44
CA LYS A 157 10.08 19.60 16.95
C LYS A 157 9.07 20.72 17.11
N ALA A 158 7.77 20.38 17.04
CA ALA A 158 6.72 21.37 17.26
C ALA A 158 6.69 21.84 18.71
N LYS A 159 7.03 20.97 19.64
CA LYS A 159 7.05 21.31 21.06
C LYS A 159 8.38 21.86 21.54
N ALA A 160 9.39 21.92 20.67
CA ALA A 160 10.78 22.17 21.09
C ALA A 160 10.96 23.52 21.71
N GLN A 161 9.98 24.38 21.54
CA GLN A 161 10.12 25.78 21.86
C GLN A 161 9.09 26.19 22.94
N GLY A 162 8.51 25.17 23.61
CA GLY A 162 7.71 25.31 24.82
C GLY A 162 6.22 25.19 24.64
N ASN A 163 5.71 25.12 23.41
CA ASN A 163 4.26 25.01 23.24
C ASN A 163 3.80 23.63 23.71
N GLU A 164 3.17 23.59 24.89
CA GLU A 164 2.73 22.34 25.49
C GLU A 164 1.28 22.01 25.15
N GLN A 165 0.74 22.58 24.08
CA GLN A 165 -0.64 22.39 23.68
C GLN A 165 -0.75 21.81 22.27
N ILE A 166 0.07 20.79 21.97
CA ILE A 166 0.06 20.15 20.67
C ILE A 166 -0.80 18.89 20.73
N MET A 167 -1.58 18.66 19.68
CA MET A 167 -2.35 17.44 19.55
C MET A 167 -2.01 16.76 18.22
N ALA A 168 -2.19 15.45 18.19
CA ALA A 168 -1.90 14.63 17.01
C ALA A 168 -3.21 14.11 16.44
N CYS A 169 -3.47 14.43 15.17
CA CYS A 169 -4.74 14.11 14.53
C CYS A 169 -4.53 13.09 13.42
N GLU A 170 -5.19 11.96 13.54
CA GLU A 170 -5.13 10.88 12.57
C GLU A 170 -6.22 11.08 11.50
N ARG A 171 -5.84 10.98 10.22
CA ARG A 171 -6.80 11.16 9.13
C ARG A 171 -6.70 10.06 8.08
N GLY A 172 -6.03 8.96 8.36
CA GLY A 172 -5.89 7.90 7.39
C GLY A 172 -4.52 7.89 6.72
N VAL A 173 -4.24 6.76 6.07
CA VAL A 173 -2.97 6.52 5.39
C VAL A 173 -3.28 5.97 4.00
N SER A 174 -2.43 6.32 3.04
CA SER A 174 -2.65 5.90 1.66
C SER A 174 -2.60 4.38 1.56
N PHE A 175 -3.53 3.83 0.80
CA PHE A 175 -3.67 2.39 0.58
C PHE A 175 -3.84 2.19 -0.91
N GLY A 176 -2.73 1.96 -1.61
CA GLY A 176 -2.82 1.89 -3.06
C GLY A 176 -3.23 3.23 -3.64
N TYR A 177 -3.92 3.17 -4.78
CA TYR A 177 -4.43 4.36 -5.43
C TYR A 177 -5.84 4.69 -4.97
N ASN A 178 -6.10 5.97 -4.72
CA ASN A 178 -7.45 6.49 -4.50
C ASN A 178 -8.17 5.77 -3.35
N ASN A 179 -7.46 5.56 -2.26
CA ASN A 179 -8.03 4.83 -1.14
C ASN A 179 -7.23 5.16 0.11
N LEU A 180 -7.94 5.46 1.20
CA LEU A 180 -7.34 5.67 2.50
C LEU A 180 -7.82 4.57 3.43
N VAL A 181 -6.89 4.02 4.21
CA VAL A 181 -7.23 3.01 5.21
C VAL A 181 -6.93 3.59 6.58
N SER A 182 -7.76 3.24 7.55
CA SER A 182 -7.63 3.70 8.93
C SER A 182 -6.95 2.59 9.72
N ASP A 183 -5.63 2.68 9.85
CA ASP A 183 -4.86 1.72 10.64
C ASP A 183 -5.00 2.09 12.11
N MET A 184 -5.83 1.33 12.84
CA MET A 184 -6.14 1.67 14.23
C MET A 184 -4.92 1.58 15.14
N ARG A 185 -3.85 0.89 14.72
CA ARG A 185 -2.62 0.86 15.51
C ARG A 185 -2.05 2.26 15.69
N SER A 186 -2.29 3.15 14.71
CA SER A 186 -1.74 4.49 14.77
C SER A 186 -2.27 5.23 15.99
N LEU A 187 -3.52 4.95 16.38
CA LEU A 187 -4.11 5.58 17.56
C LEU A 187 -3.37 5.21 18.83
N VAL A 188 -2.80 3.99 18.87
CA VAL A 188 -2.04 3.57 20.04
C VAL A 188 -0.64 4.13 19.99
N ILE A 189 0.01 4.01 18.82
CA ILE A 189 1.40 4.41 18.66
C ILE A 189 1.58 5.89 18.97
N MET A 190 0.68 6.73 18.45
CA MET A 190 0.86 8.17 18.63
C MET A 190 0.66 8.62 20.06
N ARG A 191 0.15 7.75 20.94
CA ARG A 191 0.16 8.07 22.37
C ARG A 191 1.58 8.30 22.89
N GLU A 192 2.59 7.74 22.22
CA GLU A 192 3.97 7.90 22.68
C GLU A 192 4.46 9.34 22.57
N THR A 193 3.78 10.18 21.80
CA THR A 193 4.11 11.60 21.76
C THR A 193 3.79 12.31 23.07
N GLY A 194 2.96 11.69 23.93
CA GLY A 194 2.48 12.38 25.11
C GLY A 194 1.44 13.44 24.84
N CYS A 195 0.72 13.34 23.73
CA CYS A 195 -0.25 14.33 23.31
C CYS A 195 -1.60 13.67 23.13
N PRO A 196 -2.69 14.43 23.22
CA PRO A 196 -4.00 13.87 22.87
C PRO A 196 -4.01 13.41 21.42
N VAL A 197 -4.60 12.25 21.19
CA VAL A 197 -4.78 11.72 19.85
C VAL A 197 -6.20 12.04 19.42
N VAL A 198 -6.33 12.71 18.27
CA VAL A 198 -7.63 13.07 17.71
C VAL A 198 -7.86 12.22 16.47
N TYR A 199 -9.09 11.73 16.31
CA TYR A 199 -9.44 10.88 15.17
C TYR A 199 -10.35 11.65 14.24
N ASP A 200 -9.90 11.85 13.01
CA ASP A 200 -10.70 12.46 11.94
C ASP A 200 -11.56 11.37 11.31
N ALA A 201 -12.83 11.34 11.69
CA ALA A 201 -13.74 10.28 11.25
C ALA A 201 -14.31 10.53 9.86
N THR A 202 -14.23 11.74 9.33
CA THR A 202 -14.87 12.04 8.06
C THR A 202 -13.88 12.12 6.89
N HIS A 203 -12.58 12.00 7.16
CA HIS A 203 -11.58 12.03 6.10
C HIS A 203 -10.84 10.70 5.97
N SER A 204 -10.95 9.81 6.96
CA SER A 204 -10.25 8.52 6.93
C SER A 204 -10.81 7.54 5.91
N VAL A 205 -11.96 7.88 5.34
CA VAL A 205 -12.59 7.19 4.24
C VAL A 205 -12.57 7.99 2.93
N GLN A 206 -12.72 9.32 2.94
CA GLN A 206 -12.61 10.18 1.73
C GLN A 206 -11.93 9.58 0.48
N GLN A 218 -19.18 5.75 0.84
CA GLN A 218 -18.11 5.93 1.83
C GLN A 218 -18.60 6.64 3.09
N ARG A 219 -19.83 7.15 3.06
CA ARG A 219 -20.39 7.78 4.26
C ARG A 219 -20.92 6.74 5.24
N GLU A 220 -21.35 5.58 4.75
CA GLU A 220 -21.88 4.52 5.62
C GLU A 220 -20.84 4.02 6.62
N PHE A 221 -19.55 4.14 6.29
CA PHE A 221 -18.47 3.68 7.16
C PHE A 221 -18.08 4.69 8.22
N ILE A 222 -18.55 5.95 8.12
CA ILE A 222 -18.18 6.96 9.10
C ILE A 222 -18.54 6.54 10.52
N PRO A 223 -19.78 6.13 10.83
CA PRO A 223 -20.07 5.68 12.21
C PRO A 223 -19.29 4.43 12.59
N ALA A 224 -19.14 3.46 11.69
CA ALA A 224 -18.38 2.26 12.03
C ALA A 224 -16.95 2.60 12.41
N LEU A 225 -16.28 3.39 11.59
CA LEU A 225 -14.89 3.73 11.88
C LEU A 225 -14.77 4.60 13.12
N ALA A 226 -15.76 5.46 13.37
CA ALA A 226 -15.74 6.27 14.60
C ALA A 226 -15.92 5.38 15.82
N ARG A 227 -16.81 4.38 15.73
CA ARG A 227 -16.97 3.44 16.83
C ARG A 227 -15.65 2.71 17.11
N ALA A 228 -14.99 2.25 16.04
CA ALA A 228 -13.72 1.54 16.19
C ALA A 228 -12.69 2.40 16.91
N ALA A 229 -12.48 3.63 16.42
CA ALA A 229 -11.45 4.49 17.00
C ALA A 229 -11.72 4.78 18.47
N VAL A 230 -12.98 5.05 18.81
CA VAL A 230 -13.31 5.35 20.20
C VAL A 230 -13.08 4.11 21.07
N ALA A 231 -13.38 2.92 20.54
CA ALA A 231 -13.16 1.70 21.30
C ALA A 231 -11.67 1.43 21.51
N VAL A 232 -10.84 1.78 20.52
CA VAL A 232 -9.40 1.65 20.69
C VAL A 232 -8.93 2.56 21.82
N GLY A 233 -9.53 3.74 21.92
CA GLY A 233 -9.13 4.72 22.91
C GLY A 233 -8.49 5.92 22.25
N ILE A 234 -9.21 7.04 22.23
CA ILE A 234 -8.71 8.29 21.69
C ILE A 234 -9.06 9.40 22.68
N SER A 235 -8.55 10.59 22.41
CA SER A 235 -8.84 11.76 23.26
C SER A 235 -9.98 12.59 22.72
N GLY A 236 -10.11 12.71 21.40
CA GLY A 236 -11.09 13.57 20.81
C GLY A 236 -11.47 13.08 19.44
N LEU A 237 -12.61 13.57 18.96
CA LEU A 237 -13.12 13.25 17.64
C LEU A 237 -13.14 14.50 16.78
N PHE A 238 -12.82 14.33 15.50
CA PHE A 238 -12.88 15.39 14.51
C PHE A 238 -13.87 14.97 13.43
N MET A 239 -14.86 15.82 13.16
CA MET A 239 -15.93 15.43 12.27
C MET A 239 -16.40 16.62 11.44
N GLU A 240 -16.55 16.41 10.15
CA GLU A 240 -17.18 17.37 9.27
C GLU A 240 -18.67 17.08 9.21
N THR A 241 -19.49 18.10 9.46
CA THR A 241 -20.93 17.90 9.47
C THR A 241 -21.62 19.01 8.70
N HIS A 242 -22.63 18.63 7.92
CA HIS A 242 -23.47 19.55 7.15
C HIS A 242 -24.92 19.10 7.23
N PRO A 243 -25.87 20.05 7.30
CA PRO A 243 -27.29 19.68 7.22
C PRO A 243 -27.73 19.29 5.81
N PRO A 253 -20.41 15.76 0.78
CA PRO A 253 -19.87 14.49 0.27
C PRO A 253 -19.46 13.53 1.39
N ASN A 254 -18.24 13.66 1.89
CA ASN A 254 -17.79 12.89 3.05
C ASN A 254 -18.10 13.62 4.34
N SER A 255 -19.35 14.06 4.48
CA SER A 255 -19.81 14.76 5.66
C SER A 255 -20.92 13.97 6.34
N TRP A 256 -21.06 14.16 7.64
CA TRP A 256 -22.16 13.50 8.34
C TRP A 256 -23.32 14.46 8.49
N PRO A 257 -24.54 14.04 8.17
CA PRO A 257 -25.68 14.96 8.27
C PRO A 257 -25.91 15.41 9.71
N LEU A 258 -26.23 16.69 9.86
CA LEU A 258 -26.38 17.30 11.18
C LEU A 258 -27.49 16.65 11.98
N ASP A 259 -28.57 16.25 11.32
CA ASP A 259 -29.70 15.66 12.02
C ASP A 259 -29.47 14.20 12.38
N LYS A 260 -28.34 13.62 12.01
CA LYS A 260 -27.95 12.29 12.45
C LYS A 260 -26.78 12.33 13.41
N MET A 261 -26.33 13.52 13.77
CA MET A 261 -25.14 13.67 14.61
C MET A 261 -25.39 13.19 16.04
N LYS A 262 -26.54 13.51 16.62
CA LYS A 262 -26.75 13.23 18.03
C LYS A 262 -26.85 11.74 18.30
N GLN A 263 -27.57 11.00 17.44
CA GLN A 263 -27.62 9.56 17.61
C GLN A 263 -26.23 8.96 17.52
N LEU A 264 -25.43 9.42 16.57
CA LEU A 264 -24.07 8.89 16.42
C LEU A 264 -23.24 9.20 17.66
N LEU A 265 -23.28 10.46 18.12
CA LEU A 265 -22.52 10.82 19.31
C LEU A 265 -22.98 10.03 20.53
N GLU A 266 -24.28 9.71 20.60
CA GLU A 266 -24.77 8.87 21.69
C GLU A 266 -24.08 7.51 21.68
N SER A 267 -23.92 6.89 20.50
CA SER A 267 -23.29 5.58 20.48
C SER A 267 -21.80 5.67 20.77
N LEU A 268 -21.15 6.75 20.31
CA LEU A 268 -19.73 6.91 20.55
C LEU A 268 -19.45 7.20 22.01
N LYS A 269 -20.35 7.91 22.70
CA LYS A 269 -20.15 8.16 24.11
C LYS A 269 -20.24 6.86 24.91
N ALA A 270 -21.16 5.97 24.53
CA ALA A 270 -21.26 4.69 25.21
C ALA A 270 -20.04 3.81 24.95
N ALA A 271 -19.58 3.77 23.70
CA ALA A 271 -18.36 3.02 23.42
C ALA A 271 -17.16 3.60 24.15
N ASP A 272 -17.14 4.93 24.32
CA ASP A 272 -16.05 5.57 25.05
C ASP A 272 -16.07 5.22 26.53
N GLU A 273 -17.27 5.11 27.11
CA GLU A 273 -17.36 4.68 28.52
C GLU A 273 -16.83 3.28 28.69
N VAL A 274 -17.11 2.39 27.74
CA VAL A 274 -16.62 1.02 27.82
C VAL A 274 -15.09 0.98 27.72
N TYR A 275 -14.49 1.80 26.85
CA TYR A 275 -13.04 1.80 26.74
C TYR A 275 -12.38 2.24 28.04
N LYS A 276 -12.89 3.31 28.66
CA LYS A 276 -12.24 3.79 29.88
C LYS A 276 -12.46 2.82 31.04
N LYS A 277 -13.56 2.07 31.02
CA LYS A 277 -13.83 1.18 32.15
C LYS A 277 -12.81 0.06 32.23
N TYR A 278 -12.44 -0.53 31.10
CA TYR A 278 -11.54 -1.67 31.11
C TYR A 278 -10.12 -1.29 30.69
N SER A 279 -9.88 -0.03 30.40
CA SER A 279 -8.58 0.38 29.86
C SER A 279 -7.46 0.03 30.83
N THR A 280 -6.39 -0.54 30.28
CA THR A 280 -5.14 -0.72 30.99
C THR A 280 -4.07 0.26 30.52
N ASP A 281 -4.44 1.23 29.69
CA ASP A 281 -3.50 2.19 29.14
C ASP A 281 -3.31 3.41 30.03
N PHE A 282 -4.18 3.60 31.02
CA PHE A 282 -3.93 4.59 32.08
C PHE A 282 -4.22 3.95 33.44
N HIS B 8 -30.48 -15.83 10.86
CA HIS B 8 -29.36 -16.23 11.70
C HIS B 8 -28.92 -17.65 11.38
N MET B 9 -27.68 -17.96 11.73
CA MET B 9 -27.03 -19.20 11.40
C MET B 9 -26.80 -20.03 12.65
N ARG B 10 -27.05 -21.33 12.54
CA ARG B 10 -26.83 -22.28 13.62
C ARG B 10 -25.45 -22.89 13.47
N LEU B 11 -24.81 -23.15 14.61
CA LEU B 11 -23.40 -23.54 14.61
C LEU B 11 -23.07 -24.17 15.96
N CYS B 12 -22.77 -25.47 15.97
CA CYS B 12 -22.31 -26.16 17.17
C CYS B 12 -23.24 -25.96 18.35
N GLY B 13 -24.54 -25.98 18.08
CA GLY B 13 -25.53 -25.87 19.13
C GLY B 13 -25.90 -24.45 19.54
N PHE B 14 -25.23 -23.43 19.00
CA PHE B 14 -25.58 -22.05 19.29
C PHE B 14 -25.79 -21.28 17.99
N GLU B 15 -26.27 -20.05 18.13
CA GLU B 15 -26.56 -19.19 17.00
C GLU B 15 -25.45 -18.15 16.82
N ALA B 16 -25.10 -17.91 15.55
CA ALA B 16 -24.08 -16.94 15.20
C ALA B 16 -24.72 -15.83 14.39
N GLY B 17 -24.37 -14.59 14.71
CA GLY B 17 -24.93 -13.49 13.99
C GLY B 17 -24.60 -12.14 14.57
N LEU B 18 -24.78 -11.12 13.73
CA LEU B 18 -24.54 -9.75 14.14
C LEU B 18 -25.40 -9.37 15.34
N ASP B 19 -26.62 -9.90 15.42
CA ASP B 19 -27.53 -9.60 16.52
C ASP B 19 -27.49 -10.64 17.62
N LYS B 20 -26.69 -11.69 17.46
CA LYS B 20 -26.58 -12.74 18.45
C LYS B 20 -25.33 -12.52 19.31
N PRO B 21 -25.24 -13.15 20.48
CA PRO B 21 -24.05 -12.98 21.32
C PRO B 21 -22.77 -13.39 20.59
N LEU B 22 -21.70 -12.66 20.89
CA LEU B 22 -20.40 -12.92 20.28
C LEU B 22 -19.86 -14.29 20.72
N PHE B 23 -19.30 -15.03 19.77
CA PHE B 23 -18.66 -16.31 20.07
C PHE B 23 -17.15 -16.21 19.83
N LEU B 24 -16.43 -17.21 20.34
CA LEU B 24 -14.97 -17.23 20.31
C LEU B 24 -14.45 -18.55 19.75
N ILE B 25 -13.61 -18.46 18.73
CA ILE B 25 -12.77 -19.56 18.29
C ILE B 25 -11.38 -19.29 18.86
N ALA B 26 -10.88 -20.19 19.71
CA ALA B 26 -9.61 -19.93 20.33
C ALA B 26 -8.87 -21.22 20.60
N GLY B 27 -7.56 -21.09 20.74
CA GLY B 27 -6.68 -22.20 21.01
C GLY B 27 -5.28 -21.87 20.57
N PRO B 28 -4.34 -22.76 20.83
CA PRO B 28 -2.96 -22.56 20.38
C PRO B 28 -2.85 -22.80 18.88
N CYS B 29 -1.71 -22.37 18.33
CA CYS B 29 -1.48 -22.54 16.89
C CYS B 29 -1.43 -24.02 16.51
N VAL B 30 -0.48 -24.77 17.08
CA VAL B 30 -0.30 -26.17 16.77
C VAL B 30 -0.46 -26.99 18.03
N ILE B 31 -0.90 -28.24 17.86
CA ILE B 31 -1.05 -29.18 18.96
C ILE B 31 0.32 -29.49 19.55
N GLU B 32 0.48 -29.23 20.85
CA GLU B 32 1.75 -29.55 21.50
C GLU B 32 1.74 -30.95 22.06
N SER B 33 1.11 -31.14 23.22
CA SER B 33 0.96 -32.46 23.83
C SER B 33 -0.52 -32.67 24.15
N GLU B 34 -0.93 -33.94 24.20
CA GLU B 34 -2.28 -34.23 24.66
C GLU B 34 -2.54 -33.59 26.02
N GLU B 35 -1.55 -33.65 26.93
CA GLU B 35 -1.72 -33.05 28.25
C GLU B 35 -1.92 -31.54 28.14
N LEU B 36 -1.06 -30.87 27.36
CA LEU B 36 -1.16 -29.42 27.23
C LEU B 36 -2.42 -29.02 26.48
N ALA B 37 -2.79 -29.76 25.43
CA ALA B 37 -3.99 -29.42 24.67
C ALA B 37 -5.24 -29.55 25.54
N LEU B 38 -5.31 -30.59 26.38
CA LEU B 38 -6.49 -30.76 27.24
C LEU B 38 -6.56 -29.69 28.31
N GLU B 39 -5.41 -29.28 28.84
CA GLU B 39 -5.38 -28.21 29.83
C GLU B 39 -5.84 -26.90 29.22
N THR B 40 -5.32 -26.55 28.04
CA THR B 40 -5.71 -25.30 27.43
C THR B 40 -7.20 -25.29 27.08
N ALA B 41 -7.69 -26.37 26.43
CA ALA B 41 -9.09 -26.43 26.05
C ALA B 41 -10.01 -26.30 27.27
N GLY B 42 -9.69 -26.99 28.36
CA GLY B 42 -10.52 -26.88 29.55
C GLY B 42 -10.51 -25.49 30.16
N TYR B 43 -9.33 -24.86 30.17
CA TYR B 43 -9.21 -23.52 30.73
C TYR B 43 -10.02 -22.52 29.93
N LEU B 44 -9.94 -22.59 28.60
CA LEU B 44 -10.72 -21.71 27.74
C LEU B 44 -12.22 -21.99 27.86
N LYS B 45 -12.60 -23.25 28.04
CA LYS B 45 -14.02 -23.56 28.19
C LYS B 45 -14.60 -22.90 29.43
N GLU B 46 -13.89 -23.00 30.55
CA GLU B 46 -14.39 -22.46 31.81
C GLU B 46 -14.46 -20.94 31.76
N MET B 47 -13.47 -20.31 31.14
CA MET B 47 -13.44 -18.86 31.02
C MET B 47 -14.64 -18.36 30.22
N CYS B 48 -14.92 -19.02 29.10
CA CYS B 48 -16.08 -18.63 28.28
C CYS B 48 -17.37 -18.96 29.00
N SER B 49 -17.39 -20.07 29.72
CA SER B 49 -18.57 -20.43 30.49
C SER B 49 -18.85 -19.38 31.56
N GLN B 50 -17.80 -18.91 32.23
CA GLN B 50 -18.00 -17.88 33.24
C GLN B 50 -18.38 -16.55 32.61
N LEU B 51 -18.16 -16.36 31.31
CA LEU B 51 -18.56 -15.15 30.61
C LEU B 51 -19.74 -15.35 29.68
N ASN B 52 -20.31 -16.55 29.63
CA ASN B 52 -21.49 -16.83 28.79
C ASN B 52 -21.20 -16.53 27.31
N ILE B 53 -20.02 -16.92 26.87
CA ILE B 53 -19.56 -16.73 25.50
C ILE B 53 -19.50 -18.11 24.85
N PRO B 54 -20.28 -18.37 23.79
CA PRO B 54 -20.16 -19.66 23.11
C PRO B 54 -18.73 -19.84 22.60
N PHE B 55 -18.22 -21.06 22.73
CA PHE B 55 -16.80 -21.33 22.56
C PHE B 55 -16.55 -22.47 21.59
N ILE B 56 -15.56 -22.30 20.70
CA ILE B 56 -15.09 -23.36 19.82
C ILE B 56 -13.56 -23.43 19.95
N TYR B 57 -13.06 -24.63 20.22
CA TYR B 57 -11.62 -24.88 20.33
C TYR B 57 -10.99 -25.11 18.96
N LYS B 58 -9.78 -24.58 18.77
CA LYS B 58 -9.04 -24.77 17.52
C LYS B 58 -7.58 -25.12 17.81
N SER B 59 -7.02 -25.96 16.95
CA SER B 59 -5.58 -26.18 16.87
C SER B 59 -5.30 -26.98 15.60
N SER B 60 -4.14 -26.74 15.02
CA SER B 60 -3.71 -27.37 13.78
C SER B 60 -2.53 -28.29 14.03
N PHE B 61 -2.21 -29.09 13.02
CA PHE B 61 -1.08 -30.02 13.12
C PHE B 61 0.21 -29.48 12.51
N GLY B 74 5.58 -30.79 14.44
CA GLY B 74 4.86 -31.29 15.60
C GLY B 74 4.35 -32.72 15.45
N PRO B 75 3.33 -33.07 16.22
CA PRO B 75 2.76 -34.42 16.13
C PRO B 75 2.26 -34.73 14.73
N GLY B 76 2.23 -36.02 14.41
CA GLY B 76 1.75 -36.47 13.12
C GLY B 76 0.30 -36.07 12.89
N PHE B 77 -0.13 -36.26 11.64
CA PHE B 77 -1.51 -35.94 11.27
C PHE B 77 -2.50 -36.86 11.99
N GLU B 78 -2.21 -38.17 12.02
CA GLU B 78 -3.12 -39.11 12.68
C GLU B 78 -3.11 -38.92 14.19
N LYS B 79 -1.94 -38.68 14.79
CA LYS B 79 -1.86 -38.49 16.24
C LYS B 79 -2.52 -37.17 16.64
N GLY B 80 -2.34 -36.13 15.82
CA GLY B 80 -3.01 -34.87 16.12
C GLY B 80 -4.52 -34.98 16.05
N LEU B 81 -5.02 -35.78 15.11
CA LEU B 81 -6.46 -36.02 15.02
C LEU B 81 -7.01 -36.69 16.27
N SER B 82 -6.22 -37.58 16.89
CA SER B 82 -6.68 -38.24 18.10
C SER B 82 -6.75 -37.27 19.26
N ILE B 83 -5.79 -36.35 19.33
CA ILE B 83 -5.80 -35.36 20.41
C ILE B 83 -7.04 -34.48 20.30
N LEU B 84 -7.42 -34.11 19.08
CA LEU B 84 -8.66 -33.37 18.89
C LEU B 84 -9.87 -34.24 19.24
N GLU B 85 -9.77 -35.54 18.98
CA GLU B 85 -10.82 -36.47 19.40
C GLU B 85 -10.93 -36.53 20.92
N LYS B 86 -9.79 -36.55 21.61
CA LYS B 86 -9.83 -36.60 23.06
C LYS B 86 -10.26 -35.27 23.65
N VAL B 87 -9.85 -34.16 23.05
CA VAL B 87 -10.33 -32.84 23.50
C VAL B 87 -11.84 -32.76 23.37
N LYS B 88 -12.35 -33.12 22.19
CA LYS B 88 -13.79 -33.10 21.96
C LYS B 88 -14.55 -33.93 22.98
N SER B 89 -14.03 -35.11 23.32
CA SER B 89 -14.77 -36.04 24.17
C SER B 89 -14.53 -35.78 25.65
N GLN B 90 -13.27 -35.54 26.03
CA GLN B 90 -12.93 -35.33 27.43
C GLN B 90 -13.33 -33.93 27.90
N ILE B 91 -12.97 -32.90 27.12
CA ILE B 91 -13.29 -31.54 27.53
C ILE B 91 -14.73 -31.20 27.18
N GLY B 92 -15.31 -31.86 26.18
CA GLY B 92 -16.68 -31.59 25.82
C GLY B 92 -16.86 -30.22 25.19
N VAL B 93 -16.07 -29.93 24.17
CA VAL B 93 -16.17 -28.67 23.44
C VAL B 93 -16.17 -28.99 21.95
N PRO B 94 -16.76 -28.14 21.11
CA PRO B 94 -16.59 -28.32 19.66
C PRO B 94 -15.18 -27.94 19.24
N VAL B 95 -14.67 -28.59 18.20
CA VAL B 95 -13.30 -28.38 17.74
C VAL B 95 -13.30 -27.96 16.27
N LEU B 96 -12.32 -27.10 15.92
CA LEU B 96 -12.13 -26.58 14.58
C LEU B 96 -10.68 -26.81 14.16
N THR B 97 -10.46 -27.04 12.87
CA THR B 97 -9.10 -27.14 12.36
C THR B 97 -9.08 -26.77 10.88
N ASP B 98 -7.88 -26.49 10.37
CA ASP B 98 -7.69 -26.13 8.96
C ASP B 98 -7.61 -27.38 8.10
N VAL B 99 -7.93 -27.22 6.81
CA VAL B 99 -7.74 -28.26 5.81
C VAL B 99 -7.06 -27.65 4.59
N HIS B 100 -6.27 -28.47 3.90
CA HIS B 100 -5.55 -28.08 2.69
C HIS B 100 -6.09 -28.87 1.50
N GLU B 101 -5.52 -28.59 0.31
CA GLU B 101 -5.98 -29.27 -0.89
C GLU B 101 -5.74 -30.77 -0.83
N ASP B 102 -4.76 -31.21 -0.05
CA ASP B 102 -4.44 -32.63 0.08
C ASP B 102 -4.87 -33.21 1.43
N THR B 103 -5.68 -32.49 2.19
CA THR B 103 -6.18 -33.02 3.45
C THR B 103 -7.24 -34.08 3.18
N PRO B 104 -7.16 -35.26 3.82
CA PRO B 104 -8.27 -36.23 3.70
C PRO B 104 -9.50 -35.73 4.44
N LEU B 105 -10.49 -35.24 3.68
CA LEU B 105 -11.63 -34.55 4.25
C LEU B 105 -12.50 -35.47 5.11
N PHE B 106 -12.70 -36.72 4.67
CA PHE B 106 -13.58 -37.62 5.41
C PHE B 106 -13.01 -37.99 6.78
N GLU B 107 -11.69 -38.21 6.84
CA GLU B 107 -11.08 -38.56 8.13
C GLU B 107 -11.15 -37.38 9.10
N VAL B 108 -10.81 -36.18 8.63
CA VAL B 108 -10.89 -34.98 9.47
C VAL B 108 -12.33 -34.68 9.85
N SER B 109 -13.26 -34.79 8.88
CA SER B 109 -14.66 -34.47 9.15
C SER B 109 -15.28 -35.43 10.15
N SER B 110 -14.76 -36.66 10.26
CA SER B 110 -15.33 -37.59 11.22
C SER B 110 -14.88 -37.27 12.65
N VAL B 111 -14.01 -36.28 12.83
CA VAL B 111 -13.50 -35.89 14.13
C VAL B 111 -13.92 -34.47 14.50
N VAL B 112 -13.67 -33.51 13.62
CA VAL B 112 -13.87 -32.11 13.98
C VAL B 112 -15.31 -31.67 13.70
N ASP B 113 -15.68 -30.52 14.26
CA ASP B 113 -17.01 -29.94 14.11
C ASP B 113 -17.06 -28.83 13.09
N VAL B 114 -15.97 -28.09 12.92
CA VAL B 114 -15.91 -26.95 12.01
C VAL B 114 -14.65 -27.07 11.18
N LEU B 115 -14.80 -26.98 9.86
CA LEU B 115 -13.69 -26.91 8.94
C LEU B 115 -13.30 -25.46 8.67
N GLN B 116 -12.03 -25.24 8.34
CA GLN B 116 -11.56 -23.89 8.04
C GLN B 116 -10.66 -23.88 6.82
N THR B 117 -10.90 -22.94 5.89
CA THR B 117 -9.99 -22.84 4.76
C THR B 117 -9.04 -21.67 4.98
N PRO B 118 -7.74 -21.93 4.89
CA PRO B 118 -6.75 -20.87 5.13
C PRO B 118 -6.84 -19.77 4.09
N ALA B 119 -6.31 -18.60 4.48
CA ALA B 119 -6.40 -17.41 3.64
C ALA B 119 -5.77 -17.65 2.28
N PHE B 120 -4.66 -18.40 2.22
CA PHE B 120 -3.95 -18.54 0.95
C PHE B 120 -4.69 -19.43 -0.05
N LEU B 121 -5.78 -20.08 0.37
CA LEU B 121 -6.57 -20.93 -0.52
C LEU B 121 -7.91 -20.30 -0.92
N CYS B 122 -8.18 -19.05 -0.50
CA CYS B 122 -9.52 -18.48 -0.64
C CYS B 122 -9.96 -18.37 -2.09
N ARG B 123 -9.04 -18.26 -3.03
CA ARG B 123 -9.41 -18.20 -4.44
C ARG B 123 -9.50 -19.58 -5.09
N GLN B 124 -9.18 -20.65 -4.39
CA GLN B 124 -9.27 -22.00 -4.97
C GLN B 124 -10.72 -22.45 -4.88
N THR B 125 -11.52 -22.04 -5.88
CA THR B 125 -12.97 -22.23 -5.82
C THR B 125 -13.35 -23.69 -5.65
N ASN B 126 -12.74 -24.57 -6.43
CA ASN B 126 -13.15 -25.97 -6.37
C ASN B 126 -12.69 -26.61 -5.07
N PHE B 127 -11.55 -26.21 -4.52
CA PHE B 127 -11.22 -26.73 -3.21
C PHE B 127 -12.21 -26.25 -2.16
N ILE B 128 -12.61 -24.96 -2.23
CA ILE B 128 -13.64 -24.45 -1.32
C ILE B 128 -14.91 -25.27 -1.46
N GLN B 129 -15.29 -25.58 -2.70
CA GLN B 129 -16.50 -26.36 -2.93
C GLN B 129 -16.36 -27.79 -2.40
N LYS B 130 -15.16 -28.38 -2.51
CA LYS B 130 -14.97 -29.72 -1.93
C LYS B 130 -15.11 -29.68 -0.41
N VAL B 131 -14.61 -28.62 0.21
CA VAL B 131 -14.72 -28.46 1.67
C VAL B 131 -16.18 -28.29 2.07
N ALA B 132 -16.91 -27.42 1.37
CA ALA B 132 -18.31 -27.18 1.72
C ALA B 132 -19.15 -28.41 1.49
N ALA B 133 -18.74 -29.28 0.56
CA ALA B 133 -19.54 -30.47 0.26
C ALA B 133 -19.55 -31.48 1.40
N MET B 134 -18.70 -31.29 2.41
CA MET B 134 -18.68 -32.15 3.59
C MET B 134 -19.85 -31.87 4.53
N ASN B 135 -20.64 -30.84 4.26
CA ASN B 135 -21.86 -30.51 5.01
C ASN B 135 -21.57 -30.18 6.48
N LYS B 136 -20.40 -29.63 6.76
CA LYS B 136 -20.08 -29.09 8.06
C LYS B 136 -19.89 -27.58 7.94
N PRO B 137 -20.10 -26.85 9.03
CA PRO B 137 -19.80 -25.41 9.00
C PRO B 137 -18.37 -25.16 8.57
N VAL B 138 -18.16 -24.09 7.79
CA VAL B 138 -16.84 -23.75 7.27
C VAL B 138 -16.52 -22.31 7.62
N ASN B 139 -15.37 -22.11 8.25
CA ASN B 139 -14.80 -20.78 8.45
C ASN B 139 -13.88 -20.51 7.27
N ILE B 140 -14.31 -19.63 6.36
CA ILE B 140 -13.54 -19.30 5.17
C ILE B 140 -12.75 -18.02 5.44
N LYS B 141 -11.42 -18.14 5.51
CA LYS B 141 -10.58 -16.97 5.78
C LYS B 141 -10.34 -16.15 4.52
N LYS B 142 -10.64 -14.85 4.60
CA LYS B 142 -10.35 -13.92 3.51
C LYS B 142 -8.83 -13.81 3.30
N GLY B 143 -8.39 -13.93 2.06
CA GLY B 143 -6.97 -13.79 1.77
C GLY B 143 -6.52 -12.35 1.88
N GLN B 144 -5.26 -12.19 2.33
CA GLN B 144 -4.63 -10.87 2.47
C GLN B 144 -4.53 -10.13 1.14
N PHE B 145 -4.76 -10.82 0.02
CA PHE B 145 -4.71 -10.23 -1.30
C PHE B 145 -6.10 -9.96 -1.85
N LEU B 146 -7.12 -10.06 -1.02
CA LEU B 146 -8.52 -9.93 -1.45
C LEU B 146 -9.13 -8.62 -0.99
N ALA B 147 -9.91 -7.99 -1.89
CA ALA B 147 -10.78 -6.90 -1.50
C ALA B 147 -12.06 -7.47 -0.88
N PRO B 148 -12.64 -6.76 0.08
CA PRO B 148 -13.82 -7.31 0.79
C PRO B 148 -14.97 -7.69 -0.12
N TRP B 149 -15.26 -6.88 -1.15
CA TRP B 149 -16.38 -7.16 -2.05
C TRP B 149 -16.19 -8.46 -2.83
N GLU B 150 -14.96 -8.93 -2.96
CA GLU B 150 -14.69 -10.18 -3.64
C GLU B 150 -15.13 -11.38 -2.81
N MET B 151 -15.34 -11.19 -1.51
CA MET B 151 -15.73 -12.30 -0.67
C MET B 151 -17.14 -12.80 -0.97
N LYS B 152 -18.02 -11.91 -1.44
CA LYS B 152 -19.37 -12.33 -1.78
C LYS B 152 -19.34 -13.49 -2.77
N HIS B 153 -18.47 -13.40 -3.77
CA HIS B 153 -18.38 -14.45 -4.78
C HIS B 153 -17.73 -15.71 -4.21
N VAL B 154 -16.72 -15.56 -3.35
CA VAL B 154 -16.11 -16.73 -2.72
C VAL B 154 -17.14 -17.46 -1.88
N ILE B 155 -17.90 -16.70 -1.08
CA ILE B 155 -18.93 -17.29 -0.23
C ILE B 155 -20.06 -17.86 -1.06
N ALA B 156 -20.45 -17.15 -2.12
CA ALA B 156 -21.57 -17.61 -2.95
C ALA B 156 -21.26 -18.96 -3.58
N LYS B 157 -20.02 -19.15 -4.04
CA LYS B 157 -19.64 -20.43 -4.62
C LYS B 157 -19.65 -21.54 -3.58
N ALA B 158 -19.31 -21.20 -2.33
CA ALA B 158 -19.34 -22.19 -1.24
C ALA B 158 -20.77 -22.62 -0.90
N LYS B 159 -21.74 -21.72 -1.00
CA LYS B 159 -23.12 -22.03 -0.67
C LYS B 159 -23.89 -22.60 -1.85
N ALA B 160 -23.27 -22.73 -3.01
CA ALA B 160 -24.01 -23.00 -4.24
C ALA B 160 -24.70 -24.36 -4.23
N GLN B 161 -24.29 -25.28 -3.37
CA GLN B 161 -24.95 -26.58 -3.30
C GLN B 161 -25.60 -26.83 -1.95
N GLY B 162 -25.96 -25.76 -1.22
CA GLY B 162 -26.87 -25.87 -0.09
C GLY B 162 -26.25 -25.80 1.29
N ASN B 163 -24.92 -25.75 1.41
CA ASN B 163 -24.33 -25.59 2.72
C ASN B 163 -24.64 -24.20 3.25
N GLU B 164 -25.56 -24.11 4.21
CA GLU B 164 -25.97 -22.84 4.77
C GLU B 164 -25.21 -22.46 6.04
N GLN B 165 -24.03 -23.04 6.29
CA GLN B 165 -23.27 -22.78 7.51
C GLN B 165 -21.89 -22.23 7.21
N ILE B 166 -21.80 -21.29 6.28
CA ILE B 166 -20.55 -20.68 5.89
C ILE B 166 -20.35 -19.39 6.67
N MET B 167 -19.11 -19.14 7.09
CA MET B 167 -18.71 -17.91 7.74
C MET B 167 -17.54 -17.29 6.98
N ALA B 168 -17.41 -15.96 7.07
CA ALA B 168 -16.34 -15.21 6.44
C ALA B 168 -15.43 -14.63 7.52
N CYS B 169 -14.15 -14.94 7.44
CA CYS B 169 -13.19 -14.59 8.48
C CYS B 169 -12.19 -13.58 7.95
N GLU B 170 -12.14 -12.42 8.62
CA GLU B 170 -11.25 -11.33 8.27
C GLU B 170 -9.94 -11.51 9.01
N ARG B 171 -8.81 -11.45 8.29
CA ARG B 171 -7.50 -11.62 8.92
C ARG B 171 -6.49 -10.56 8.49
N GLY B 172 -6.93 -9.45 7.91
CA GLY B 172 -6.03 -8.40 7.50
C GLY B 172 -5.75 -8.44 6.01
N VAL B 173 -5.17 -7.35 5.51
CA VAL B 173 -4.88 -7.16 4.10
C VAL B 173 -3.46 -6.62 3.96
N SER B 174 -2.76 -7.06 2.92
CA SER B 174 -1.38 -6.66 2.69
C SER B 174 -1.25 -5.15 2.60
N PHE B 175 -0.21 -4.62 3.26
CA PHE B 175 0.04 -3.17 3.32
C PHE B 175 1.53 -2.95 3.07
N GLY B 176 1.88 -2.70 1.82
CA GLY B 176 3.29 -2.62 1.55
C GLY B 176 3.96 -3.97 1.81
N TYR B 177 5.23 -3.92 2.18
CA TYR B 177 5.96 -5.13 2.50
C TYR B 177 5.87 -5.44 4.00
N ASN B 178 5.66 -6.73 4.30
CA ASN B 178 5.79 -7.27 5.66
C ASN B 178 4.91 -6.55 6.67
N ASN B 179 3.66 -6.31 6.28
CA ASN B 179 2.76 -5.56 7.14
C ASN B 179 1.32 -5.87 6.74
N LEU B 180 0.50 -6.19 7.72
CA LEU B 180 -0.93 -6.38 7.52
C LEU B 180 -1.66 -5.27 8.26
N VAL B 181 -2.64 -4.68 7.60
CA VAL B 181 -3.48 -3.67 8.22
C VAL B 181 -4.88 -4.23 8.31
N SER B 182 -5.58 -3.86 9.38
CA SER B 182 -6.95 -4.29 9.61
C SER B 182 -7.88 -3.17 9.16
N ASP B 183 -8.39 -3.27 7.94
CA ASP B 183 -9.34 -2.31 7.38
C ASP B 183 -10.73 -2.63 7.92
N MET B 184 -11.18 -1.82 8.90
CA MET B 184 -12.43 -2.10 9.59
C MET B 184 -13.66 -2.00 8.68
N ARG B 185 -13.55 -1.33 7.53
CA ARG B 185 -14.67 -1.33 6.59
C ARG B 185 -14.99 -2.74 6.13
N SER B 186 -14.00 -3.62 6.08
CA SER B 186 -14.23 -4.97 5.58
C SER B 186 -15.25 -5.70 6.45
N LEU B 187 -15.27 -5.41 7.75
CA LEU B 187 -16.24 -6.01 8.63
C LEU B 187 -17.67 -5.61 8.26
N VAL B 188 -17.84 -4.39 7.73
CA VAL B 188 -19.16 -3.93 7.32
C VAL B 188 -19.50 -4.48 5.95
N ILE B 189 -18.58 -4.37 4.99
CA ILE B 189 -18.85 -4.80 3.62
C ILE B 189 -19.21 -6.28 3.59
N MET B 190 -18.48 -7.10 4.34
CA MET B 190 -18.69 -8.54 4.26
C MET B 190 -20.01 -8.99 4.89
N ARG B 191 -20.72 -8.11 5.61
CA ARG B 191 -22.08 -8.45 6.01
C ARG B 191 -22.97 -8.74 4.81
N GLU B 192 -22.62 -8.22 3.63
CA GLU B 192 -23.40 -8.46 2.41
C GLU B 192 -23.30 -9.89 1.90
N THR B 193 -22.36 -10.69 2.42
CA THR B 193 -22.33 -12.12 2.11
C THR B 193 -23.52 -12.86 2.68
N GLY B 194 -24.27 -12.26 3.59
CA GLY B 194 -25.32 -12.99 4.28
C GLY B 194 -24.80 -14.01 5.26
N CYS B 195 -23.57 -13.84 5.74
CA CYS B 195 -22.91 -14.78 6.62
C CYS B 195 -22.41 -14.07 7.87
N PRO B 196 -22.24 -14.80 8.96
CA PRO B 196 -21.55 -14.20 10.12
C PRO B 196 -20.13 -13.82 9.75
N VAL B 197 -19.70 -12.64 10.20
CA VAL B 197 -18.33 -12.19 10.00
C VAL B 197 -17.53 -12.47 11.27
N VAL B 198 -16.41 -13.17 11.11
CA VAL B 198 -15.51 -13.55 12.19
C VAL B 198 -14.24 -12.71 12.06
N TYR B 199 -13.72 -12.25 13.19
CA TYR B 199 -12.53 -11.41 13.20
C TYR B 199 -11.35 -12.19 13.79
N ASP B 200 -10.31 -12.35 13.00
CA ASP B 200 -9.06 -12.96 13.46
C ASP B 200 -8.20 -11.87 14.11
N ALA B 201 -8.20 -11.83 15.44
CA ALA B 201 -7.49 -10.76 16.14
C ALA B 201 -5.99 -11.01 16.29
N THR B 202 -5.52 -12.25 16.12
CA THR B 202 -4.12 -12.55 16.35
C THR B 202 -3.35 -12.74 15.03
N HIS B 203 -4.00 -12.63 13.87
CA HIS B 203 -3.32 -12.82 12.59
C HIS B 203 -3.27 -11.57 11.74
N SER B 204 -4.23 -10.71 11.94
CA SER B 204 -4.19 -9.42 11.29
C SER B 204 -3.22 -8.44 11.95
N VAL B 205 -2.43 -8.93 12.90
CA VAL B 205 -1.28 -8.23 13.43
C VAL B 205 -0.03 -8.74 12.77
N GLN B 206 0.08 -10.07 12.57
CA GLN B 206 1.31 -10.78 12.13
C GLN B 206 2.50 -9.93 11.64
N GLN B 218 4.49 -6.11 18.63
CA GLN B 218 3.35 -6.20 17.71
C GLN B 218 2.16 -6.90 18.37
N ARG B 219 2.41 -7.48 19.55
CA ARG B 219 1.34 -8.14 20.30
C ARG B 219 0.49 -7.15 21.09
N GLU B 220 1.03 -5.98 21.42
CA GLU B 220 0.28 -5.00 22.20
CA GLU B 220 0.27 -5.00 22.20
C GLU B 220 -0.88 -4.39 21.42
N PHE B 221 -0.98 -4.64 20.11
CA PHE B 221 -2.10 -4.15 19.32
C PHE B 221 -3.27 -5.12 19.28
N ILE B 222 -3.07 -6.37 19.68
CA ILE B 222 -4.15 -7.36 19.65
C ILE B 222 -5.37 -6.89 20.45
N PRO B 223 -5.26 -6.47 21.71
CA PRO B 223 -6.47 -6.03 22.42
C PRO B 223 -7.11 -4.82 21.78
N ALA B 224 -6.29 -3.85 21.32
CA ALA B 224 -6.83 -2.67 20.67
C ALA B 224 -7.63 -3.03 19.43
N LEU B 225 -7.07 -3.89 18.56
CA LEU B 225 -7.76 -4.22 17.32
C LEU B 225 -9.02 -5.06 17.57
N ALA B 226 -8.99 -5.93 18.58
CA ALA B 226 -10.18 -6.72 18.89
C ALA B 226 -11.31 -5.82 19.38
N ARG B 227 -10.98 -4.82 20.22
CA ARG B 227 -11.99 -3.87 20.66
C ARG B 227 -12.60 -3.14 19.47
N ALA B 228 -11.74 -2.70 18.54
CA ALA B 228 -12.22 -2.02 17.34
C ALA B 228 -13.20 -2.91 16.57
N ALA B 229 -12.80 -4.14 16.27
CA ALA B 229 -13.67 -5.02 15.49
C ALA B 229 -15.00 -5.24 16.19
N VAL B 230 -14.97 -5.48 17.50
CA VAL B 230 -16.22 -5.74 18.21
C VAL B 230 -17.10 -4.49 18.23
N ALA B 231 -16.49 -3.32 18.37
CA ALA B 231 -17.28 -2.08 18.37
C ALA B 231 -17.91 -1.83 17.01
N VAL B 232 -17.21 -2.19 15.94
CA VAL B 232 -17.78 -2.07 14.60
C VAL B 232 -18.98 -2.99 14.47
N GLY B 233 -18.91 -4.18 15.09
CA GLY B 233 -19.97 -5.16 14.97
C GLY B 233 -19.51 -6.38 14.21
N ILE B 234 -19.33 -7.50 14.91
CA ILE B 234 -18.94 -8.77 14.31
C ILE B 234 -19.78 -9.86 14.96
N SER B 235 -19.65 -11.07 14.42
CA SER B 235 -20.35 -12.23 14.95
C SER B 235 -19.48 -13.07 15.88
N GLY B 236 -18.19 -13.18 15.59
CA GLY B 236 -17.31 -14.04 16.39
C GLY B 236 -15.89 -13.53 16.34
N LEU B 237 -15.11 -14.01 17.32
CA LEU B 237 -13.69 -13.70 17.42
C LEU B 237 -12.88 -14.96 17.23
N PHE B 238 -11.73 -14.81 16.56
CA PHE B 238 -10.77 -15.89 16.33
C PHE B 238 -9.46 -15.47 16.97
N MET B 239 -8.91 -16.31 17.85
CA MET B 239 -7.72 -15.94 18.62
C MET B 239 -6.81 -17.13 18.88
N GLU B 240 -5.52 -16.92 18.69
CA GLU B 240 -4.47 -17.83 19.12
C GLU B 240 -4.00 -17.45 20.52
N THR B 241 -3.80 -18.46 21.37
CA THR B 241 -3.48 -18.25 22.79
C THR B 241 -2.22 -19.01 23.15
N HIS B 242 -1.49 -18.45 24.13
CA HIS B 242 -0.21 -18.98 24.59
C HIS B 242 -0.28 -19.27 26.08
N PRO B 243 0.01 -20.50 26.52
CA PRO B 243 0.13 -20.93 27.93
C PRO B 243 1.45 -20.55 28.60
N ASN B 254 3.02 -13.93 17.93
CA ASN B 254 1.78 -13.17 17.77
C ASN B 254 0.57 -13.88 18.40
N SER B 255 0.74 -14.29 19.65
CA SER B 255 -0.33 -14.92 20.42
C SER B 255 -0.64 -14.10 21.67
N TRP B 256 -1.86 -14.26 22.17
CA TRP B 256 -2.27 -13.58 23.41
C TRP B 256 -2.08 -14.54 24.58
N PRO B 257 -1.46 -14.10 25.67
CA PRO B 257 -1.25 -15.01 26.80
C PRO B 257 -2.56 -15.46 27.44
N LEU B 258 -2.59 -16.74 27.83
CA LEU B 258 -3.81 -17.36 28.37
C LEU B 258 -4.28 -16.66 29.65
N ASP B 259 -3.33 -16.25 30.50
CA ASP B 259 -3.73 -15.63 31.75
C ASP B 259 -4.18 -14.20 31.57
N LYS B 260 -4.15 -13.69 30.34
CA LYS B 260 -4.71 -12.38 30.03
C LYS B 260 -5.97 -12.48 29.18
N MET B 261 -6.42 -13.69 28.86
CA MET B 261 -7.58 -13.85 27.98
C MET B 261 -8.87 -13.39 28.66
N LYS B 262 -9.05 -13.71 29.94
CA LYS B 262 -10.35 -13.41 30.56
C LYS B 262 -10.57 -11.91 30.69
N GLN B 263 -9.54 -11.16 31.10
CA GLN B 263 -9.68 -9.70 31.16
C GLN B 263 -10.02 -9.12 29.79
N LEU B 264 -9.34 -9.59 28.74
CA LEU B 264 -9.61 -9.07 27.40
C LEU B 264 -11.04 -9.39 26.97
N LEU B 265 -11.45 -10.65 27.12
CA LEU B 265 -12.80 -11.03 26.75
C LEU B 265 -13.83 -10.27 27.59
N GLU B 266 -13.50 -9.98 28.84
CA GLU B 266 -14.41 -9.18 29.67
C GLU B 266 -14.63 -7.81 29.05
N SER B 267 -13.55 -7.17 28.55
CA SER B 267 -13.69 -5.88 27.91
C SER B 267 -14.38 -5.98 26.56
N LEU B 268 -14.14 -7.06 25.82
CA LEU B 268 -14.78 -7.24 24.54
C LEU B 268 -16.28 -7.51 24.68
N LYS B 269 -16.69 -8.22 25.73
CA LYS B 269 -18.12 -8.48 25.87
C LYS B 269 -18.88 -7.20 26.16
N ALA B 270 -18.29 -6.29 26.95
CA ALA B 270 -18.91 -5.01 27.21
C ALA B 270 -18.97 -4.16 25.95
N ALA B 271 -17.90 -4.16 25.15
CA ALA B 271 -17.94 -3.44 23.89
C ALA B 271 -19.01 -4.01 22.96
N ASP B 272 -19.20 -5.34 22.99
CA ASP B 272 -20.19 -5.97 22.12
C ASP B 272 -21.60 -5.57 22.53
N GLU B 273 -21.85 -5.44 23.82
CA GLU B 273 -23.18 -5.02 24.27
C GLU B 273 -23.49 -3.61 23.80
N VAL B 274 -22.51 -2.71 23.85
CA VAL B 274 -22.73 -1.34 23.40
C VAL B 274 -23.04 -1.30 21.91
N TYR B 275 -22.32 -2.10 21.11
CA TYR B 275 -22.62 -2.13 19.69
C TYR B 275 -24.06 -2.58 19.46
N LYS B 276 -24.51 -3.63 20.16
CA LYS B 276 -25.85 -4.13 19.92
C LYS B 276 -26.93 -3.16 20.40
N LYS B 277 -26.65 -2.36 21.42
CA LYS B 277 -27.66 -1.44 21.93
C LYS B 277 -27.96 -0.34 20.90
N TYR B 278 -26.92 0.18 20.23
CA TYR B 278 -27.08 1.29 19.30
C TYR B 278 -27.11 0.86 17.85
N SER B 279 -27.04 -0.44 17.59
CA SER B 279 -26.93 -0.90 16.21
C SER B 279 -28.16 -0.52 15.40
N THR B 280 -27.92 0.09 14.24
CA THR B 280 -28.93 0.29 13.22
C THR B 280 -28.69 -0.64 12.03
N ASP B 281 -27.78 -1.60 12.16
CA ASP B 281 -27.46 -2.53 11.07
C ASP B 281 -28.37 -3.74 11.06
N PHE B 282 -29.08 -3.99 12.16
CA PHE B 282 -30.14 -4.98 12.19
C PHE B 282 -31.39 -4.39 12.84
N HIS C 8 26.90 -21.02 -14.56
CA HIS C 8 25.49 -20.72 -14.83
C HIS C 8 24.61 -21.93 -14.51
N MET C 9 23.38 -21.91 -15.01
CA MET C 9 22.39 -22.95 -14.76
C MET C 9 21.90 -23.51 -16.08
N ARG C 10 21.75 -24.83 -16.14
CA ARG C 10 21.22 -25.50 -17.32
C ARG C 10 19.73 -25.74 -17.16
N LEU C 11 19.00 -25.66 -18.28
CA LEU C 11 17.54 -25.75 -18.26
C LEU C 11 17.09 -26.10 -19.68
N CYS C 12 16.54 -27.30 -19.86
CA CYS C 12 15.98 -27.74 -21.13
C CYS C 12 16.98 -27.56 -22.27
N GLY C 13 18.25 -27.86 -22.00
CA GLY C 13 19.27 -27.82 -23.01
C GLY C 13 19.93 -26.48 -23.23
N PHE C 14 19.47 -25.42 -22.56
CA PHE C 14 20.11 -24.13 -22.70
C PHE C 14 20.48 -23.58 -21.32
N GLU C 15 21.23 -22.49 -21.32
CA GLU C 15 21.68 -21.88 -20.08
C GLU C 15 20.81 -20.67 -19.75
N ALA C 16 20.46 -20.55 -18.47
CA ALA C 16 19.64 -19.47 -17.97
C ALA C 16 20.46 -18.67 -16.96
N GLY C 17 20.42 -17.35 -17.09
CA GLY C 17 21.16 -16.53 -16.17
C GLY C 17 21.21 -15.07 -16.55
N LEU C 18 21.56 -14.22 -15.58
CA LEU C 18 21.67 -12.79 -15.83
C LEU C 18 22.64 -12.50 -16.98
N ASP C 19 23.67 -13.32 -17.15
CA ASP C 19 24.67 -13.14 -18.18
C ASP C 19 24.37 -13.94 -19.45
N LYS C 20 23.30 -14.73 -19.45
CA LYS C 20 22.94 -15.51 -20.62
C LYS C 20 21.82 -14.84 -21.40
N PRO C 21 21.63 -15.20 -22.67
CA PRO C 21 20.51 -14.64 -23.44
C PRO C 21 19.16 -14.92 -22.79
N LEU C 22 18.24 -13.98 -22.98
CA LEU C 22 16.90 -14.09 -22.42
C LEU C 22 16.15 -15.29 -23.03
N PHE C 23 15.46 -16.05 -22.18
CA PHE C 23 14.62 -17.14 -22.64
C PHE C 23 13.15 -16.80 -22.36
N LEU C 24 12.25 -17.59 -22.97
CA LEU C 24 10.82 -17.30 -22.90
C LEU C 24 10.04 -18.55 -22.52
N ILE C 25 9.23 -18.41 -21.47
CA ILE C 25 8.15 -19.34 -21.16
C ILE C 25 6.86 -18.71 -21.66
N ALA C 26 6.15 -19.41 -22.54
CA ALA C 26 4.92 -18.84 -23.10
C ALA C 26 3.92 -19.94 -23.41
N GLY C 27 2.65 -19.53 -23.52
CA GLY C 27 1.57 -20.44 -23.83
C GLY C 27 0.22 -19.94 -23.38
N PRO C 28 -0.83 -20.70 -23.67
CA PRO C 28 -2.16 -20.36 -23.18
C PRO C 28 -2.29 -20.68 -21.71
N CYS C 29 -3.35 -20.16 -21.10
CA CYS C 29 -3.58 -20.42 -19.68
C CYS C 29 -3.83 -21.91 -19.43
N VAL C 30 -4.90 -22.44 -20.01
CA VAL C 30 -5.29 -23.84 -19.83
C VAL C 30 -5.37 -24.52 -21.20
N ILE C 31 -5.16 -25.83 -21.22
CA ILE C 31 -5.32 -26.59 -22.44
C ILE C 31 -6.80 -26.53 -22.82
N GLU C 32 -7.08 -25.93 -23.98
CA GLU C 32 -8.45 -25.88 -24.50
C GLU C 32 -8.70 -27.10 -25.37
N SER C 33 -8.03 -27.17 -26.52
CA SER C 33 -8.18 -28.29 -27.43
C SER C 33 -6.82 -28.93 -27.65
N GLU C 34 -6.83 -30.24 -27.90
CA GLU C 34 -5.59 -30.86 -28.38
C GLU C 34 -5.12 -30.19 -29.66
N GLU C 35 -6.05 -29.87 -30.56
CA GLU C 35 -5.71 -29.19 -31.80
C GLU C 35 -5.15 -27.80 -31.52
N LEU C 36 -5.79 -27.05 -30.62
CA LEU C 36 -5.34 -25.68 -30.35
C LEU C 36 -3.98 -25.66 -29.67
N ALA C 37 -3.72 -26.60 -28.75
CA ALA C 37 -2.42 -26.63 -28.08
C ALA C 37 -1.31 -26.91 -29.08
N LEU C 38 -1.53 -27.83 -30.02
CA LEU C 38 -0.50 -28.15 -30.99
C LEU C 38 -0.24 -26.98 -31.92
N GLU C 39 -1.29 -26.26 -32.32
CA GLU C 39 -1.12 -25.11 -33.20
C GLU C 39 -0.39 -23.97 -32.49
N THR C 40 -0.80 -23.66 -31.27
CA THR C 40 -0.16 -22.57 -30.51
C THR C 40 1.29 -22.91 -30.20
N ALA C 41 1.53 -24.13 -29.71
CA ALA C 41 2.91 -24.53 -29.43
C ALA C 41 3.76 -24.49 -30.70
N GLY C 42 3.20 -24.96 -31.81
CA GLY C 42 3.93 -24.88 -33.08
C GLY C 42 4.16 -23.45 -33.53
N TYR C 43 3.17 -22.58 -33.32
CA TYR C 43 3.33 -21.18 -33.69
C TYR C 43 4.40 -20.52 -32.84
N LEU C 44 4.35 -20.75 -31.52
CA LEU C 44 5.35 -20.15 -30.63
C LEU C 44 6.73 -20.73 -30.88
N LYS C 45 6.80 -22.03 -31.19
CA LYS C 45 8.10 -22.61 -31.51
C LYS C 45 8.70 -21.97 -32.77
N GLU C 46 7.88 -21.74 -33.80
CA GLU C 46 8.42 -21.19 -35.02
C GLU C 46 8.93 -19.77 -34.81
N MET C 47 8.14 -18.99 -34.07
CA MET C 47 8.49 -17.60 -33.85
C MET C 47 9.79 -17.47 -33.09
N CYS C 48 9.96 -18.27 -32.03
CA CYS C 48 11.16 -18.16 -31.23
C CYS C 48 12.39 -18.57 -32.01
N SER C 49 12.26 -19.56 -32.91
CA SER C 49 13.39 -19.95 -33.74
C SER C 49 13.81 -18.82 -34.68
N GLN C 50 12.84 -18.11 -35.25
CA GLN C 50 13.16 -17.01 -36.14
C GLN C 50 13.84 -15.87 -35.40
N LEU C 51 13.69 -15.80 -34.08
CA LEU C 51 14.39 -14.82 -33.27
C LEU C 51 15.50 -15.42 -32.43
N ASN C 52 15.74 -16.74 -32.52
CA ASN C 52 16.82 -17.37 -31.77
C ASN C 52 16.67 -17.15 -30.26
N ILE C 53 15.44 -17.31 -29.76
CA ILE C 53 15.11 -17.14 -28.34
C ILE C 53 14.78 -18.51 -27.76
N PRO C 54 15.52 -18.99 -26.75
CA PRO C 54 15.16 -20.28 -26.15
C PRO C 54 13.74 -20.26 -25.61
N PHE C 55 13.00 -21.33 -25.87
CA PHE C 55 11.55 -21.31 -25.66
C PHE C 55 11.11 -22.51 -24.83
N ILE C 56 10.20 -22.27 -23.90
CA ILE C 56 9.52 -23.32 -23.14
C ILE C 56 8.02 -23.10 -23.25
N TYR C 57 7.31 -24.13 -23.71
CA TYR C 57 5.86 -24.06 -23.79
C TYR C 57 5.24 -24.34 -22.43
N LYS C 58 4.19 -23.61 -22.11
CA LYS C 58 3.48 -23.82 -20.85
C LYS C 58 1.98 -23.80 -21.09
N SER C 59 1.27 -24.60 -20.29
CA SER C 59 -0.18 -24.61 -20.19
C SER C 59 -0.52 -25.43 -18.97
N SER C 60 -1.65 -25.11 -18.34
CA SER C 60 -2.02 -25.82 -17.14
C SER C 60 -3.26 -26.69 -17.37
N PHE C 61 -3.44 -27.65 -16.46
CA PHE C 61 -4.59 -28.53 -16.48
C PHE C 61 -5.65 -28.02 -15.52
N PHE C 77 -7.54 -34.37 -15.75
CA PHE C 77 -6.12 -34.42 -15.42
C PHE C 77 -5.35 -35.40 -16.31
N GLU C 78 -5.90 -36.60 -16.48
CA GLU C 78 -5.25 -37.58 -17.34
C GLU C 78 -5.28 -37.14 -18.80
N LYS C 79 -6.42 -36.61 -19.24
CA LYS C 79 -6.54 -36.19 -20.63
C LYS C 79 -5.69 -34.96 -20.92
N GLY C 80 -5.64 -34.01 -19.98
CA GLY C 80 -4.79 -32.84 -20.17
C GLY C 80 -3.31 -33.19 -20.17
N LEU C 81 -2.90 -34.10 -19.28
CA LEU C 81 -1.52 -34.56 -19.24
C LEU C 81 -1.13 -35.25 -20.54
N SER C 82 -2.08 -35.95 -21.15
CA SER C 82 -1.81 -36.64 -22.41
C SER C 82 -1.55 -35.66 -23.55
N ILE C 83 -2.28 -34.55 -23.60
CA ILE C 83 -2.09 -33.57 -24.67
C ILE C 83 -0.73 -32.93 -24.57
N LEU C 84 -0.30 -32.63 -23.36
CA LEU C 84 1.04 -32.05 -23.20
C LEU C 84 2.12 -33.02 -23.62
N GLU C 85 1.91 -34.32 -23.42
CA GLU C 85 2.94 -35.11 -24.06
C GLU C 85 2.87 -35.06 -25.59
N LYS C 86 1.66 -35.12 -26.16
CA LYS C 86 1.64 -35.07 -27.61
C LYS C 86 2.24 -33.76 -28.08
N VAL C 87 2.09 -32.69 -27.28
CA VAL C 87 2.77 -31.43 -27.57
C VAL C 87 4.29 -31.59 -27.53
N LYS C 88 4.81 -32.15 -26.43
CA LYS C 88 6.24 -32.38 -26.29
C LYS C 88 6.79 -33.18 -27.47
N SER C 89 6.04 -34.18 -27.94
CA SER C 89 6.53 -35.10 -28.97
C SER C 89 6.27 -34.59 -30.39
N GLN C 90 5.07 -34.07 -30.67
CA GLN C 90 4.77 -33.63 -32.02
C GLN C 90 5.48 -32.32 -32.36
N ILE C 91 5.38 -31.33 -31.46
CA ILE C 91 5.99 -30.03 -31.73
C ILE C 91 7.49 -30.04 -31.42
N GLY C 92 7.92 -30.89 -30.50
CA GLY C 92 9.33 -30.93 -30.13
C GLY C 92 9.79 -29.72 -29.35
N VAL C 93 9.09 -29.38 -28.28
CA VAL C 93 9.47 -28.26 -27.41
C VAL C 93 9.41 -28.72 -25.97
N PRO C 94 10.16 -28.09 -25.07
CA PRO C 94 10.00 -28.37 -23.64
C PRO C 94 8.67 -27.82 -23.14
N VAL C 95 8.09 -28.53 -22.18
CA VAL C 95 6.77 -28.20 -21.66
C VAL C 95 6.86 -27.93 -20.17
N LEU C 96 6.07 -26.96 -19.70
CA LEU C 96 5.99 -26.55 -18.30
C LEU C 96 4.53 -26.56 -17.87
N THR C 97 4.30 -26.90 -16.60
CA THR C 97 2.94 -26.86 -16.08
C THR C 97 2.97 -26.63 -14.58
N ASP C 98 1.82 -26.19 -14.04
CA ASP C 98 1.69 -25.93 -12.62
C ASP C 98 1.45 -27.24 -11.89
N VAL C 99 1.81 -27.26 -10.60
CA VAL C 99 1.45 -28.38 -9.73
C VAL C 99 0.86 -27.80 -8.45
N HIS C 100 -0.08 -28.53 -7.87
CA HIS C 100 -0.74 -28.14 -6.63
C HIS C 100 -0.43 -29.16 -5.52
N GLU C 101 -0.97 -28.89 -4.34
CA GLU C 101 -0.70 -29.76 -3.19
C GLU C 101 -1.21 -31.18 -3.40
N ASP C 102 -2.22 -31.35 -4.25
CA ASP C 102 -2.80 -32.66 -4.50
C ASP C 102 -2.44 -33.20 -5.88
N THR C 103 -1.53 -32.57 -6.59
CA THR C 103 -1.11 -33.09 -7.88
C THR C 103 -0.17 -34.28 -7.66
N PRO C 104 -0.39 -35.40 -8.36
CA PRO C 104 0.60 -36.49 -8.31
C PRO C 104 1.85 -36.07 -9.05
N LEU C 105 2.89 -35.75 -8.29
CA LEU C 105 4.10 -35.14 -8.86
C LEU C 105 4.81 -36.09 -9.81
N PHE C 106 4.89 -37.38 -9.46
CA PHE C 106 5.63 -38.32 -10.28
C PHE C 106 5.00 -38.50 -11.65
N GLU C 107 3.66 -38.48 -11.73
CA GLU C 107 3.01 -38.62 -13.03
C GLU C 107 3.27 -37.41 -13.91
N VAL C 108 3.09 -36.21 -13.36
CA VAL C 108 3.36 -34.99 -14.12
C VAL C 108 4.84 -34.89 -14.45
N SER C 109 5.71 -35.22 -13.48
CA SER C 109 7.15 -35.08 -13.68
C SER C 109 7.67 -36.03 -14.77
N SER C 110 7.01 -37.17 -14.97
CA SER C 110 7.43 -38.10 -16.01
C SER C 110 6.98 -37.66 -17.39
N VAL C 111 6.27 -36.53 -17.48
CA VAL C 111 5.78 -35.99 -18.75
C VAL C 111 6.41 -34.64 -19.06
N VAL C 112 6.32 -33.69 -18.13
CA VAL C 112 6.73 -32.32 -18.42
C VAL C 112 8.21 -32.16 -18.13
N ASP C 113 8.79 -31.05 -18.58
CA ASP C 113 10.21 -30.78 -18.40
C ASP C 113 10.49 -29.84 -17.24
N VAL C 114 9.56 -28.94 -16.93
CA VAL C 114 9.73 -27.95 -15.88
C VAL C 114 8.45 -27.91 -15.05
N LEU C 115 8.59 -28.03 -13.74
CA LEU C 115 7.49 -27.83 -12.81
C LEU C 115 7.41 -26.36 -12.39
N GLN C 116 6.19 -25.95 -12.04
CA GLN C 116 5.96 -24.57 -11.60
C GLN C 116 5.08 -24.58 -10.37
N THR C 117 5.45 -23.81 -9.38
CA THR C 117 4.58 -23.69 -8.22
C THR C 117 3.81 -22.38 -8.29
N PRO C 118 2.49 -22.42 -8.17
CA PRO C 118 1.70 -21.19 -8.26
C PRO C 118 1.97 -20.24 -7.10
N ALA C 119 1.75 -18.95 -7.35
CA ALA C 119 2.10 -17.90 -6.38
C ALA C 119 1.43 -18.12 -5.03
N PHE C 120 0.21 -18.66 -5.00
CA PHE C 120 -0.49 -18.80 -3.74
C PHE C 120 0.07 -19.89 -2.84
N LEU C 121 1.01 -20.72 -3.32
CA LEU C 121 1.59 -21.79 -2.53
C LEU C 121 3.03 -21.53 -2.07
N CYS C 122 3.60 -20.37 -2.40
CA CYS C 122 5.02 -20.14 -2.15
C CYS C 122 5.40 -20.22 -0.67
N ARG C 123 4.47 -19.94 0.24
CA ARG C 123 4.81 -20.02 1.66
C ARG C 123 4.65 -21.42 2.22
N GLN C 124 4.13 -22.37 1.44
CA GLN C 124 3.99 -23.76 1.89
C GLN C 124 5.35 -24.44 1.66
N THR C 125 6.24 -24.26 2.65
CA THR C 125 7.63 -24.69 2.50
C THR C 125 7.72 -26.18 2.21
N ASN C 126 6.97 -27.00 2.96
CA ASN C 126 7.09 -28.44 2.77
C ASN C 126 6.63 -28.86 1.38
N PHE C 127 5.61 -28.20 0.84
CA PHE C 127 5.18 -28.53 -0.52
C PHE C 127 6.24 -28.15 -1.55
N ILE C 128 6.90 -27.01 -1.35
CA ILE C 128 7.96 -26.61 -2.27
C ILE C 128 9.05 -27.68 -2.34
N GLN C 129 9.43 -28.24 -1.18
CA GLN C 129 10.47 -29.26 -1.14
C GLN C 129 10.00 -30.55 -1.80
N LYS C 130 8.72 -30.91 -1.64
CA LYS C 130 8.21 -32.09 -2.33
C LYS C 130 8.30 -31.91 -3.83
N VAL C 131 8.03 -30.69 -4.32
CA VAL C 131 8.15 -30.41 -5.75
C VAL C 131 9.60 -30.48 -6.19
N ALA C 132 10.49 -29.83 -5.43
CA ALA C 132 11.91 -29.82 -5.79
C ALA C 132 12.52 -31.21 -5.72
N ALA C 133 11.95 -32.11 -4.91
CA ALA C 133 12.48 -33.46 -4.80
C ALA C 133 12.31 -34.27 -6.07
N MET C 134 11.54 -33.77 -7.05
CA MET C 134 11.43 -34.46 -8.32
C MET C 134 12.67 -34.31 -9.18
N ASN C 135 13.60 -33.44 -8.77
CA ASN C 135 14.87 -33.25 -9.46
C ASN C 135 14.66 -32.81 -10.92
N LYS C 136 13.65 -32.01 -11.13
CA LYS C 136 13.40 -31.28 -12.36
C LYS C 136 13.55 -29.78 -12.09
N PRO C 137 13.85 -28.98 -13.10
CA PRO C 137 13.83 -27.53 -12.90
C PRO C 137 12.45 -27.08 -12.42
N VAL C 138 12.43 -26.11 -11.51
CA VAL C 138 11.19 -25.58 -10.94
C VAL C 138 11.17 -24.07 -11.00
N ASN C 139 10.11 -23.52 -11.58
CA ASN C 139 9.82 -22.09 -11.57
C ASN C 139 8.90 -21.80 -10.39
N ILE C 140 9.44 -21.17 -9.34
CA ILE C 140 8.71 -20.85 -8.13
C ILE C 140 8.19 -19.41 -8.24
N LYS C 141 6.88 -19.26 -8.29
CA LYS C 141 6.30 -17.92 -8.40
C LYS C 141 6.24 -17.25 -7.03
N LYS C 142 6.76 -16.03 -6.95
CA LYS C 142 6.64 -15.23 -5.74
C LYS C 142 5.19 -14.79 -5.56
N GLY C 143 4.66 -15.00 -4.36
CA GLY C 143 3.30 -14.56 -4.08
C GLY C 143 3.18 -13.05 -4.09
N GLN C 144 2.00 -12.57 -4.50
CA GLN C 144 1.72 -11.13 -4.48
C GLN C 144 1.79 -10.56 -3.07
N PHE C 145 1.85 -11.44 -2.05
CA PHE C 145 1.93 -11.08 -0.64
C PHE C 145 3.33 -11.24 -0.07
N LEU C 146 4.35 -11.47 -0.90
CA LEU C 146 5.71 -11.71 -0.42
C LEU C 146 6.61 -10.51 -0.66
N ALA C 147 7.45 -10.23 0.32
CA ALA C 147 8.53 -9.29 0.08
C ALA C 147 9.67 -10.00 -0.64
N PRO C 148 10.39 -9.28 -1.52
CA PRO C 148 11.44 -9.94 -2.32
C PRO C 148 12.50 -10.65 -1.49
N TRP C 149 12.92 -10.06 -0.37
CA TRP C 149 13.94 -10.70 0.47
C TRP C 149 13.45 -12.02 1.05
N GLU C 150 12.14 -12.24 1.08
CA GLU C 150 11.62 -13.52 1.57
C GLU C 150 11.86 -14.65 0.59
N MET C 151 12.11 -14.36 -0.68
CA MET C 151 12.35 -15.44 -1.64
C MET C 151 13.68 -16.15 -1.34
N LYS C 152 14.64 -15.44 -0.75
CA LYS C 152 15.88 -16.09 -0.34
C LYS C 152 15.59 -17.31 0.54
N HIS C 153 14.64 -17.18 1.47
CA HIS C 153 14.31 -18.29 2.35
C HIS C 153 13.53 -19.37 1.59
N VAL C 154 12.61 -18.96 0.72
CA VAL C 154 11.84 -19.94 -0.07
C VAL C 154 12.77 -20.75 -0.96
N ILE C 155 13.68 -20.05 -1.66
CA ILE C 155 14.60 -20.73 -2.56
C ILE C 155 15.57 -21.62 -1.79
N ALA C 156 16.03 -21.16 -0.62
CA ALA C 156 16.98 -21.98 0.15
C ALA C 156 16.37 -23.31 0.54
N LYS C 157 15.12 -23.30 0.99
CA LYS C 157 14.46 -24.54 1.34
C LYS C 157 14.23 -25.41 0.10
N ALA C 158 14.01 -24.77 -1.05
CA ALA C 158 13.84 -25.51 -2.31
C ALA C 158 15.14 -26.19 -2.75
N LYS C 159 16.28 -25.56 -2.50
CA LYS C 159 17.56 -26.10 -2.94
C LYS C 159 18.19 -27.03 -1.91
N ALA C 160 17.53 -27.20 -0.77
CA ALA C 160 18.15 -27.85 0.38
C ALA C 160 18.47 -29.32 0.15
N GLN C 161 17.87 -29.96 -0.87
CA GLN C 161 18.17 -31.35 -1.18
C GLN C 161 18.90 -31.48 -2.51
N GLY C 162 19.53 -30.41 -2.98
CA GLY C 162 20.49 -30.47 -4.06
C GLY C 162 19.97 -30.01 -5.41
N ASN C 163 18.68 -29.71 -5.53
CA ASN C 163 18.14 -29.26 -6.81
C ASN C 163 18.72 -27.90 -7.13
N GLU C 164 19.68 -27.87 -8.07
CA GLU C 164 20.34 -26.65 -8.47
C GLU C 164 19.68 -26.02 -9.70
N GLN C 165 18.42 -26.35 -9.97
CA GLN C 165 17.70 -25.86 -11.14
C GLN C 165 16.45 -25.10 -10.74
N ILE C 166 16.56 -24.26 -9.72
CA ILE C 166 15.44 -23.48 -9.22
C ILE C 166 15.48 -22.08 -9.85
N MET C 167 14.31 -21.56 -10.20
CA MET C 167 14.17 -20.18 -10.67
C MET C 167 13.12 -19.45 -9.85
N ALA C 168 13.26 -18.12 -9.80
CA ALA C 168 12.36 -17.24 -9.08
C ALA C 168 11.58 -16.38 -10.07
N CYS C 169 10.24 -16.42 -9.97
CA CYS C 169 9.38 -15.75 -10.95
C CYS C 169 8.62 -14.61 -10.28
N GLU C 170 8.81 -13.41 -10.81
CA GLU C 170 8.17 -12.20 -10.29
C GLU C 170 6.81 -12.03 -10.95
N ARG C 171 5.76 -11.79 -10.16
CA ARG C 171 4.42 -11.66 -10.72
C ARG C 171 3.69 -10.41 -10.21
N GLY C 172 4.39 -9.51 -9.52
CA GLY C 172 3.72 -8.38 -8.94
C GLY C 172 3.47 -8.55 -7.44
N VAL C 173 3.18 -7.43 -6.78
CA VAL C 173 2.85 -7.41 -5.36
C VAL C 173 1.54 -6.65 -5.20
N SER C 174 0.80 -6.98 -4.15
CA SER C 174 -0.47 -6.32 -3.90
C SER C 174 -0.25 -4.84 -3.58
N PHE C 175 -1.07 -3.99 -4.18
CA PHE C 175 -0.99 -2.54 -4.00
C PHE C 175 -2.41 -2.05 -3.76
N GLY C 176 -2.80 -1.94 -2.50
CA GLY C 176 -4.18 -1.59 -2.18
C GLY C 176 -5.12 -2.70 -2.65
N TYR C 177 -6.35 -2.32 -2.97
CA TYR C 177 -7.33 -3.29 -3.45
C TYR C 177 -7.31 -3.36 -4.97
N ASN C 178 -7.36 -4.59 -5.49
CA ASN C 178 -7.59 -4.86 -6.91
C ASN C 178 -6.54 -4.21 -7.80
N ASN C 179 -5.28 -4.37 -7.39
CA ASN C 179 -4.19 -3.73 -8.09
C ASN C 179 -2.90 -4.47 -7.75
N LEU C 180 -2.13 -4.79 -8.78
CA LEU C 180 -0.79 -5.34 -8.61
C LEU C 180 0.19 -4.35 -9.19
N VAL C 181 1.29 -4.13 -8.48
CA VAL C 181 2.32 -3.25 -8.97
C VAL C 181 3.61 -4.04 -9.13
N SER C 182 4.39 -3.68 -10.15
CA SER C 182 5.67 -4.31 -10.42
C SER C 182 6.78 -3.44 -9.81
N ASP C 183 7.23 -3.81 -8.62
CA ASP C 183 8.39 -3.18 -8.00
C ASP C 183 9.63 -3.78 -8.64
N MET C 184 10.24 -3.02 -9.53
CA MET C 184 11.40 -3.51 -10.28
C MET C 184 12.59 -3.79 -9.37
N ARG C 185 12.58 -3.24 -8.14
CA ARG C 185 13.65 -3.55 -7.21
C ARG C 185 13.69 -5.04 -6.90
N SER C 186 12.53 -5.71 -6.92
CA SER C 186 12.53 -7.13 -6.58
C SER C 186 13.36 -7.94 -7.57
N LEU C 187 13.38 -7.53 -8.84
CA LEU C 187 14.18 -8.23 -9.84
C LEU C 187 15.67 -8.19 -9.49
N VAL C 188 16.10 -7.12 -8.85
CA VAL C 188 17.50 -6.97 -8.44
C VAL C 188 17.75 -7.72 -7.15
N ILE C 189 16.85 -7.57 -6.16
CA ILE C 189 17.00 -8.22 -4.87
C ILE C 189 17.09 -9.74 -5.03
N MET C 190 16.21 -10.30 -5.85
CA MET C 190 16.13 -11.75 -5.98
C MET C 190 17.35 -12.36 -6.66
N ARG C 191 18.22 -11.54 -7.26
CA ARG C 191 19.49 -12.07 -7.71
C ARG C 191 20.29 -12.66 -6.55
N GLU C 192 20.02 -12.20 -5.33
CA GLU C 192 20.73 -12.72 -4.16
C GLU C 192 20.36 -14.17 -3.84
N THR C 193 19.28 -14.71 -4.42
CA THR C 193 18.97 -16.12 -4.28
C THR C 193 19.96 -17.01 -5.04
N GLY C 194 20.76 -16.44 -5.94
CA GLY C 194 21.62 -17.26 -6.78
C GLY C 194 20.90 -18.02 -7.86
N CYS C 195 19.73 -17.56 -8.29
CA CYS C 195 18.89 -18.24 -9.25
C CYS C 195 18.52 -17.32 -10.39
N PRO C 196 18.20 -17.87 -11.56
CA PRO C 196 17.66 -17.03 -12.62
C PRO C 196 16.34 -16.43 -12.18
N VAL C 197 16.18 -15.14 -12.46
CA VAL C 197 14.94 -14.43 -12.17
C VAL C 197 14.14 -14.35 -13.45
N VAL C 198 12.88 -14.80 -13.38
CA VAL C 198 11.95 -14.78 -14.50
C VAL C 198 10.89 -13.73 -14.21
N TYR C 199 10.51 -12.97 -15.24
CA TYR C 199 9.52 -11.91 -15.08
C TYR C 199 8.21 -12.29 -15.76
N ASP C 200 7.14 -12.36 -14.98
CA ASP C 200 5.79 -12.60 -15.52
C ASP C 200 5.21 -11.27 -15.98
N ALA C 201 5.27 -11.03 -17.29
CA ALA C 201 4.87 -9.78 -17.91
C ALA C 201 3.38 -9.67 -18.15
N THR C 202 2.65 -10.78 -18.11
CA THR C 202 1.23 -10.79 -18.46
C THR C 202 0.31 -10.89 -17.25
N HIS C 203 0.86 -11.05 -16.05
CA HIS C 203 0.05 -11.07 -14.83
C HIS C 203 0.42 -9.98 -13.83
N SER C 204 1.57 -9.31 -13.98
CA SER C 204 1.96 -8.25 -13.05
C SER C 204 1.01 -7.07 -13.12
N VAL C 205 0.02 -7.14 -14.01
CA VAL C 205 -1.02 -6.12 -14.15
C VAL C 205 -2.30 -6.49 -13.39
N GLN C 206 -2.69 -7.77 -13.44
CA GLN C 206 -4.00 -8.29 -13.02
C GLN C 206 -4.91 -7.34 -12.23
N GLN C 218 -5.58 -2.03 -19.25
CA GLN C 218 -4.48 -2.65 -18.51
C GLN C 218 -3.65 -3.59 -19.39
N ARG C 219 -4.12 -3.84 -20.62
CA ARG C 219 -3.35 -4.65 -21.56
C ARG C 219 -2.26 -3.84 -22.27
N GLU C 220 -2.42 -2.52 -22.33
CA GLU C 220 -1.43 -1.67 -22.99
C GLU C 220 -0.12 -1.59 -22.20
N PHE C 221 -0.12 -1.97 -20.93
CA PHE C 221 1.06 -1.85 -20.09
C PHE C 221 1.99 -3.06 -20.17
N ILE C 222 1.52 -4.19 -20.73
CA ILE C 222 2.36 -5.38 -20.80
C ILE C 222 3.68 -5.11 -21.52
N PRO C 223 3.69 -4.54 -22.73
CA PRO C 223 4.99 -4.26 -23.37
C PRO C 223 5.84 -3.26 -22.59
N ALA C 224 5.23 -2.20 -22.05
CA ALA C 224 5.99 -1.22 -21.28
C ALA C 224 6.66 -1.89 -20.08
N LEU C 225 5.91 -2.68 -19.32
CA LEU C 225 6.48 -3.33 -18.14
C LEU C 225 7.49 -4.40 -18.52
N ALA C 226 7.28 -5.10 -19.64
CA ALA C 226 8.25 -6.11 -20.06
C ALA C 226 9.58 -5.46 -20.44
N ARG C 227 9.52 -4.31 -21.14
CA ARG C 227 10.73 -3.60 -21.47
C ARG C 227 11.49 -3.19 -20.22
N ALA C 228 10.77 -2.63 -19.25
CA ALA C 228 11.41 -2.18 -18.01
C ALA C 228 12.15 -3.32 -17.32
N ALA C 229 11.45 -4.45 -17.12
CA ALA C 229 12.07 -5.57 -16.44
C ALA C 229 13.31 -6.04 -17.20
N VAL C 230 13.21 -6.09 -18.54
CA VAL C 230 14.34 -6.53 -19.33
C VAL C 230 15.52 -5.56 -19.20
N ALA C 231 15.23 -4.25 -19.16
CA ALA C 231 16.29 -3.25 -19.01
C ALA C 231 16.94 -3.31 -17.63
N VAL C 232 16.15 -3.64 -16.61
CA VAL C 232 16.70 -3.85 -15.27
C VAL C 232 17.66 -5.02 -15.28
N GLY C 233 17.32 -6.07 -16.04
CA GLY C 233 18.13 -7.28 -16.08
C GLY C 233 17.41 -8.47 -15.48
N ILE C 234 16.99 -9.41 -16.31
CA ILE C 234 16.33 -10.64 -15.85
C ILE C 234 16.91 -11.81 -16.65
N SER C 235 16.53 -13.02 -16.26
CA SER C 235 16.97 -14.19 -16.99
C SER C 235 15.96 -14.65 -18.02
N GLY C 236 14.67 -14.49 -17.73
CA GLY C 236 13.65 -15.02 -18.63
C GLY C 236 12.35 -14.25 -18.53
N LEU C 237 11.53 -14.43 -19.54
CA LEU C 237 10.20 -13.85 -19.62
C LEU C 237 9.16 -14.96 -19.53
N PHE C 238 8.07 -14.66 -18.84
CA PHE C 238 6.93 -15.55 -18.72
C PHE C 238 5.74 -14.82 -19.31
N MET C 239 5.02 -15.47 -20.23
CA MET C 239 3.94 -14.76 -20.91
C MET C 239 2.77 -15.69 -21.21
N GLU C 240 1.58 -15.20 -20.89
CA GLU C 240 0.31 -15.81 -21.27
C GLU C 240 -0.12 -15.25 -22.60
N THR C 241 -0.59 -16.12 -23.49
CA THR C 241 -0.93 -15.72 -24.84
C THR C 241 -2.32 -16.21 -25.21
N HIS C 242 -2.97 -15.44 -26.07
CA HIS C 242 -4.27 -15.77 -26.63
C HIS C 242 -4.21 -15.59 -28.14
N PRO C 243 -4.77 -16.53 -28.91
CA PRO C 243 -4.91 -16.37 -30.36
C PRO C 243 -6.04 -15.42 -30.74
N ASN C 254 -6.04 -10.05 -19.70
CA ASN C 254 -4.66 -9.87 -19.25
C ASN C 254 -3.73 -10.87 -19.94
N SER C 255 -3.80 -10.91 -21.27
CA SER C 255 -2.93 -11.76 -22.08
C SER C 255 -2.53 -11.00 -23.35
N TRP C 256 -1.38 -11.37 -23.91
CA TRP C 256 -0.89 -10.73 -25.14
C TRP C 256 -1.26 -11.53 -26.36
N PRO C 257 -1.79 -10.89 -27.41
CA PRO C 257 -2.19 -11.64 -28.61
C PRO C 257 -0.99 -12.29 -29.30
N LEU C 258 -1.22 -13.51 -29.79
CA LEU C 258 -0.17 -14.31 -30.40
C LEU C 258 0.46 -13.60 -31.60
N ASP C 259 -0.35 -12.89 -32.39
CA ASP C 259 0.13 -12.20 -33.58
C ASP C 259 0.84 -10.89 -33.28
N LYS C 260 0.93 -10.49 -32.02
CA LYS C 260 1.73 -9.34 -31.62
C LYS C 260 2.95 -9.76 -30.80
N MET C 261 3.16 -11.06 -30.62
CA MET C 261 4.27 -11.55 -29.80
C MET C 261 5.61 -11.25 -30.46
N LYS C 262 5.69 -11.42 -31.78
CA LYS C 262 6.99 -11.33 -32.44
C LYS C 262 7.53 -9.90 -32.43
N GLN C 263 6.69 -8.90 -32.72
CA GLN C 263 7.16 -7.53 -32.64
C GLN C 263 7.58 -7.17 -31.23
N LEU C 264 6.83 -7.63 -30.23
CA LEU C 264 7.19 -7.33 -28.85
C LEU C 264 8.53 -7.96 -28.48
N LEU C 265 8.68 -9.26 -28.77
CA LEU C 265 9.92 -9.96 -28.43
C LEU C 265 11.12 -9.37 -29.17
N GLU C 266 10.93 -8.89 -30.40
CA GLU C 266 12.02 -8.25 -31.12
C GLU C 266 12.55 -7.05 -30.36
N SER C 267 11.65 -6.22 -29.80
CA SER C 267 12.11 -5.07 -29.03
C SER C 267 12.71 -5.50 -27.69
N LEU C 268 12.21 -6.59 -27.10
CA LEU C 268 12.75 -7.05 -25.83
C LEU C 268 14.15 -7.63 -25.98
N LYS C 269 14.41 -8.31 -27.10
CA LYS C 269 15.75 -8.85 -27.31
C LYS C 269 16.76 -7.73 -27.47
N ALA C 270 16.34 -6.64 -28.13
CA ALA C 270 17.23 -5.49 -28.27
C ALA C 270 17.50 -4.82 -26.92
N ALA C 271 16.46 -4.67 -26.09
CA ALA C 271 16.68 -4.11 -24.76
C ALA C 271 17.55 -5.04 -23.91
N ASP C 272 17.38 -6.35 -24.08
CA ASP C 272 18.19 -7.29 -23.31
C ASP C 272 19.64 -7.23 -23.70
N GLU C 273 19.91 -7.05 -25.00
CA GLU C 273 21.29 -6.94 -25.45
C GLU C 273 21.96 -5.70 -24.87
N VAL C 274 21.23 -4.58 -24.81
CA VAL C 274 21.79 -3.35 -24.24
C VAL C 274 22.06 -3.53 -22.76
N TYR C 275 21.15 -4.19 -22.03
CA TYR C 275 21.41 -4.44 -20.63
C TYR C 275 22.67 -5.27 -20.44
N LYS C 276 22.81 -6.33 -21.24
CA LYS C 276 23.96 -7.23 -21.07
C LYS C 276 25.26 -6.53 -21.45
N LYS C 277 25.21 -5.56 -22.36
CA LYS C 277 26.43 -4.85 -22.78
C LYS C 277 26.99 -4.00 -21.66
N TYR C 278 26.15 -3.32 -20.90
CA TYR C 278 26.61 -2.39 -19.87
C TYR C 278 26.51 -2.95 -18.46
N SER C 279 26.02 -4.18 -18.30
CA SER C 279 25.76 -4.71 -16.97
C SER C 279 27.05 -4.83 -16.17
N THR C 280 27.02 -4.31 -14.94
CA THR C 280 28.06 -4.54 -13.94
C THR C 280 27.57 -5.46 -12.83
N ASP C 281 26.39 -6.07 -13.00
CA ASP C 281 25.79 -6.95 -12.00
C ASP C 281 26.26 -8.37 -12.13
N PHE C 282 26.91 -8.72 -13.23
CA PHE C 282 27.61 -10.00 -13.34
C PHE C 282 29.00 -9.73 -13.89
N HIS D 7 2.08 17.66 -30.50
CA HIS D 7 2.64 18.29 -29.30
C HIS D 7 4.17 18.31 -29.29
N HIS D 8 4.76 19.48 -29.49
CA HIS D 8 6.19 19.66 -29.25
C HIS D 8 6.39 20.73 -28.20
N MET D 9 7.42 20.56 -27.37
CA MET D 9 7.69 21.52 -26.30
C MET D 9 9.14 21.98 -26.36
N ARG D 10 9.33 23.30 -26.29
CA ARG D 10 10.65 23.90 -26.18
C ARG D 10 10.90 24.32 -24.74
N LEU D 11 12.15 24.23 -24.33
CA LEU D 11 12.52 24.42 -22.93
C LEU D 11 14.01 24.72 -22.87
N CYS D 12 14.36 25.92 -22.42
CA CYS D 12 15.75 26.31 -22.18
C CYS D 12 16.62 26.08 -23.42
N GLY D 13 16.07 26.40 -24.59
CA GLY D 13 16.82 26.30 -25.82
C GLY D 13 16.83 24.95 -26.51
N PHE D 14 16.22 23.93 -25.92
CA PHE D 14 16.14 22.63 -26.55
C PHE D 14 14.70 22.11 -26.56
N GLU D 15 14.52 20.98 -27.24
CA GLU D 15 13.22 20.34 -27.36
C GLU D 15 13.13 19.18 -26.37
N ALA D 16 11.98 19.06 -25.72
CA ALA D 16 11.71 18.00 -24.76
C ALA D 16 10.54 17.17 -25.25
N GLY D 17 10.69 15.85 -25.18
CA GLY D 17 9.59 15.02 -25.62
C GLY D 17 9.93 13.55 -25.70
N LEU D 18 8.89 12.71 -25.70
CA LEU D 18 9.08 11.26 -25.79
C LEU D 18 9.89 10.88 -27.02
N ASP D 19 9.75 11.62 -28.11
CA ASP D 19 10.46 11.37 -29.36
C ASP D 19 11.73 12.20 -29.51
N LYS D 20 12.03 13.07 -28.56
CA LYS D 20 13.19 13.93 -28.58
C LYS D 20 14.30 13.34 -27.73
N PRO D 21 15.54 13.81 -27.92
CA PRO D 21 16.65 13.33 -27.08
C PRO D 21 16.38 13.55 -25.60
N LEU D 22 16.89 12.60 -24.81
CA LEU D 22 16.74 12.63 -23.36
C LEU D 22 17.48 13.83 -22.76
N PHE D 23 16.82 14.52 -21.83
CA PHE D 23 17.48 15.61 -21.12
C PHE D 23 17.66 15.25 -19.66
N LEU D 24 18.51 16.00 -18.98
CA LEU D 24 18.86 15.71 -17.59
C LEU D 24 18.74 16.97 -16.74
N ILE D 25 17.95 16.86 -15.66
CA ILE D 25 17.97 17.83 -14.56
C ILE D 25 18.77 17.20 -13.44
N ALA D 26 19.86 17.85 -13.04
CA ALA D 26 20.71 17.28 -12.01
C ALA D 26 21.38 18.38 -11.21
N GLY D 27 21.82 18.00 -10.02
CA GLY D 27 22.49 18.90 -9.11
C GLY D 27 22.41 18.41 -7.69
N PRO D 28 23.03 19.14 -6.76
CA PRO D 28 22.92 18.81 -5.34
C PRO D 28 21.56 19.21 -4.79
N CYS D 29 21.23 18.67 -3.61
CA CYS D 29 19.95 19.01 -3.00
C CYS D 29 19.91 20.49 -2.63
N VAL D 30 20.82 20.93 -1.77
CA VAL D 30 20.86 22.30 -1.28
C VAL D 30 22.18 22.92 -1.68
N ILE D 31 22.14 24.24 -1.91
CA ILE D 31 23.34 25.00 -2.21
C ILE D 31 24.21 25.07 -0.96
N GLU D 32 25.45 24.61 -1.07
CA GLU D 32 26.42 24.70 0.03
C GLU D 32 27.19 26.01 -0.07
N SER D 33 28.13 26.07 -1.00
CA SER D 33 28.95 27.24 -1.24
C SER D 33 28.85 27.65 -2.70
N GLU D 34 29.04 28.94 -2.96
CA GLU D 34 29.16 29.41 -4.33
C GLU D 34 30.25 28.65 -5.07
N GLU D 35 31.38 28.39 -4.41
CA GLU D 35 32.46 27.63 -5.05
C GLU D 35 32.00 26.22 -5.39
N LEU D 36 31.30 25.56 -4.46
CA LEU D 36 30.88 24.19 -4.72
C LEU D 36 29.84 24.13 -5.84
N ALA D 37 28.88 25.06 -5.83
CA ALA D 37 27.84 25.03 -6.85
C ALA D 37 28.43 25.25 -8.24
N LEU D 38 29.38 26.19 -8.36
CA LEU D 38 29.96 26.46 -9.66
C LEU D 38 30.79 25.27 -10.15
N GLU D 39 31.50 24.60 -9.22
CA GLU D 39 32.29 23.44 -9.59
C GLU D 39 31.40 22.30 -10.05
N THR D 40 30.35 22.01 -9.28
CA THR D 40 29.46 20.92 -9.64
C THR D 40 28.73 21.20 -10.95
N ALA D 41 28.17 22.41 -11.10
CA ALA D 41 27.46 22.76 -12.32
C ALA D 41 28.39 22.68 -13.53
N GLY D 42 29.62 23.18 -13.39
CA GLY D 42 30.56 23.11 -14.50
C GLY D 42 30.91 21.67 -14.88
N TYR D 43 31.06 20.80 -13.88
CA TYR D 43 31.36 19.41 -14.17
C TYR D 43 30.22 18.72 -14.91
N LEU D 44 28.98 18.91 -14.43
CA LEU D 44 27.85 18.28 -15.10
C LEU D 44 27.62 18.85 -16.49
N LYS D 45 27.89 20.13 -16.68
CA LYS D 45 27.71 20.76 -17.98
C LYS D 45 28.64 20.12 -19.02
N GLU D 46 29.91 19.91 -18.67
CA GLU D 46 30.85 19.32 -19.61
C GLU D 46 30.50 17.85 -19.88
N MET D 47 30.13 17.12 -18.83
CA MET D 47 29.76 15.72 -19.00
C MET D 47 28.54 15.58 -19.90
N CYS D 48 27.53 16.41 -19.68
CA CYS D 48 26.32 16.29 -20.49
C CYS D 48 26.59 16.75 -21.93
N SER D 49 27.39 17.79 -22.12
CA SER D 49 27.69 18.25 -23.46
C SER D 49 28.42 17.19 -24.27
N GLN D 50 29.38 16.49 -23.64
CA GLN D 50 30.15 15.44 -24.28
C GLN D 50 29.32 14.18 -24.53
N LEU D 51 28.15 14.06 -23.93
CA LEU D 51 27.20 12.99 -24.21
C LEU D 51 26.02 13.46 -25.04
N ASN D 52 26.00 14.74 -25.42
CA ASN D 52 24.92 15.33 -26.20
C ASN D 52 23.58 15.22 -25.47
N ILE D 53 23.61 15.43 -24.17
CA ILE D 53 22.42 15.36 -23.32
C ILE D 53 22.09 16.78 -22.86
N PRO D 54 20.95 17.35 -23.26
CA PRO D 54 20.58 18.68 -22.77
C PRO D 54 20.49 18.69 -21.26
N PHE D 55 20.98 19.77 -20.66
CA PHE D 55 21.22 19.79 -19.23
C PHE D 55 20.60 21.00 -18.56
N ILE D 56 19.99 20.77 -17.41
CA ILE D 56 19.50 21.83 -16.53
C ILE D 56 20.09 21.57 -15.14
N TYR D 57 20.77 22.57 -14.60
CA TYR D 57 21.28 22.45 -13.24
C TYR D 57 20.19 22.77 -12.24
N LYS D 58 20.16 22.03 -11.14
CA LYS D 58 19.15 22.26 -10.11
C LYS D 58 19.82 22.37 -8.75
N SER D 59 19.29 23.26 -7.92
CA SER D 59 19.67 23.34 -6.52
C SER D 59 18.69 24.26 -5.81
N SER D 60 18.46 23.97 -4.54
CA SER D 60 17.59 24.76 -3.69
C SER D 60 18.41 25.33 -2.55
N PHE D 61 17.81 26.24 -1.80
CA PHE D 61 18.48 26.77 -0.63
C PHE D 61 18.21 25.91 0.59
N ASP D 62 17.10 25.19 0.60
CA ASP D 62 16.74 24.27 1.66
C ASP D 62 16.21 22.99 1.03
N LYS D 63 16.07 21.96 1.85
CA LYS D 63 15.57 20.69 1.34
C LYS D 63 14.12 20.84 0.88
N ALA D 64 13.65 19.83 0.13
CA ALA D 64 12.27 19.85 -0.37
C ALA D 64 11.28 20.07 0.76
N ASN D 65 11.45 19.36 1.86
CA ASN D 65 10.70 19.62 3.10
C ASN D 65 11.55 20.58 3.93
N ARG D 66 11.16 21.86 3.91
CA ARG D 66 11.98 22.90 4.53
C ARG D 66 12.14 22.66 6.02
N SER D 67 13.34 22.91 6.52
CA SER D 67 13.74 22.57 7.87
C SER D 67 13.55 23.75 8.83
N SER D 68 13.51 23.44 10.12
CA SER D 68 13.41 24.51 11.12
C SER D 68 14.62 25.43 11.01
N ILE D 69 14.39 26.73 11.25
CA ILE D 69 15.48 27.70 11.21
C ILE D 69 16.49 27.44 12.31
N SER D 70 16.05 26.83 13.42
CA SER D 70 16.94 26.51 14.53
C SER D 70 17.98 25.46 14.17
N SER D 71 17.76 24.69 13.09
CA SER D 71 18.70 23.65 12.67
C SER D 71 19.00 23.72 11.18
N TYR D 72 18.76 24.87 10.55
CA TYR D 72 18.93 25.00 9.10
C TYR D 72 20.39 25.23 8.75
N ARG D 73 20.91 24.37 7.87
CA ARG D 73 22.27 24.49 7.36
C ARG D 73 22.20 24.91 5.90
N GLY D 74 22.75 26.08 5.60
CA GLY D 74 22.73 26.60 4.25
C GLY D 74 22.77 28.12 4.24
N PRO D 75 22.70 28.69 3.05
CA PRO D 75 22.68 30.16 2.95
C PRO D 75 21.26 30.68 3.05
N GLY D 76 21.11 31.99 2.98
CA GLY D 76 19.77 32.55 2.95
C GLY D 76 19.05 32.18 1.66
N PHE D 77 17.75 32.47 1.65
CA PHE D 77 17.03 32.53 0.38
C PHE D 77 17.68 33.55 -0.55
N GLU D 78 18.07 34.71 0.00
CA GLU D 78 18.69 35.73 -0.85
C GLU D 78 20.07 35.30 -1.33
N LYS D 79 20.90 34.74 -0.46
CA LYS D 79 22.23 34.34 -0.90
C LYS D 79 22.16 33.15 -1.86
N GLY D 80 21.24 32.23 -1.61
CA GLY D 80 21.08 31.10 -2.53
C GLY D 80 20.64 31.56 -3.91
N LEU D 81 19.77 32.57 -3.97
CA LEU D 81 19.34 33.12 -5.25
C LEU D 81 20.52 33.75 -6.00
N SER D 82 21.44 34.38 -5.27
CA SER D 82 22.59 34.98 -5.93
C SER D 82 23.54 33.92 -6.47
N ILE D 83 23.69 32.83 -5.73
CA ILE D 83 24.58 31.76 -6.17
C ILE D 83 24.06 31.15 -7.47
N LEU D 84 22.75 30.98 -7.58
CA LEU D 84 22.17 30.45 -8.81
C LEU D 84 22.35 31.42 -9.97
N GLU D 85 22.28 32.72 -9.70
CA GLU D 85 22.54 33.69 -10.76
C GLU D 85 23.98 33.61 -11.26
N LYS D 86 24.93 33.40 -10.35
CA LYS D 86 26.33 33.28 -10.78
C LYS D 86 26.57 31.96 -11.52
N VAL D 87 25.90 30.89 -11.11
CA VAL D 87 25.99 29.63 -11.85
C VAL D 87 25.47 29.83 -13.27
N LYS D 88 24.26 30.39 -13.39
CA LYS D 88 23.68 30.66 -14.69
C LYS D 88 24.61 31.50 -15.54
N SER D 89 25.24 32.51 -14.93
CA SER D 89 26.03 33.47 -15.67
C SER D 89 27.47 33.01 -15.91
N GLN D 90 28.14 32.51 -14.87
CA GLN D 90 29.53 32.09 -15.03
C GLN D 90 29.64 30.75 -15.76
N ILE D 91 28.82 29.77 -15.37
CA ILE D 91 28.90 28.47 -16.01
C ILE D 91 28.11 28.45 -17.31
N GLY D 92 27.07 29.27 -17.42
CA GLY D 92 26.28 29.31 -18.63
C GLY D 92 25.40 28.08 -18.83
N VAL D 93 24.59 27.79 -17.80
CA VAL D 93 23.67 26.66 -17.83
C VAL D 93 22.29 27.12 -17.37
N PRO D 94 21.22 26.47 -17.83
CA PRO D 94 19.90 26.74 -17.25
C PRO D 94 19.84 26.17 -15.85
N VAL D 95 19.11 26.87 -14.99
CA VAL D 95 19.00 26.51 -13.57
C VAL D 95 17.53 26.36 -13.21
N LEU D 96 17.27 25.44 -12.28
CA LEU D 96 15.94 25.11 -11.77
C LEU D 96 15.96 25.16 -10.25
N THR D 97 14.83 25.54 -9.63
CA THR D 97 14.70 25.53 -8.18
C THR D 97 13.24 25.39 -7.77
N ASP D 98 13.03 25.01 -6.50
CA ASP D 98 11.68 24.83 -5.98
C ASP D 98 11.07 26.18 -5.64
N VAL D 99 9.74 26.20 -5.61
CA VAL D 99 9.00 27.33 -5.07
C VAL D 99 7.96 26.78 -4.11
N HIS D 100 7.72 27.50 -3.02
CA HIS D 100 6.72 27.12 -2.04
C HIS D 100 5.61 28.16 -2.04
N GLU D 101 4.59 27.92 -1.20
CA GLU D 101 3.46 28.84 -1.17
C GLU D 101 3.86 30.24 -0.71
N ASP D 102 4.98 30.38 0.02
CA ASP D 102 5.41 31.69 0.49
C ASP D 102 6.63 32.23 -0.24
N THR D 103 7.04 31.60 -1.32
CA THR D 103 8.17 32.10 -2.10
C THR D 103 7.76 33.30 -2.94
N PRO D 104 8.58 34.35 -2.98
CA PRO D 104 8.32 35.43 -3.95
C PRO D 104 8.60 34.96 -5.38
N LEU D 105 7.52 34.68 -6.13
CA LEU D 105 7.66 34.05 -7.44
C LEU D 105 8.37 34.96 -8.43
N PHE D 106 8.08 36.26 -8.42
CA PHE D 106 8.71 37.17 -9.38
C PHE D 106 10.21 37.26 -9.15
N GLU D 107 10.67 37.19 -7.89
CA GLU D 107 12.10 37.25 -7.64
C GLU D 107 12.79 36.01 -8.18
N VAL D 108 12.27 34.82 -7.84
CA VAL D 108 12.86 33.58 -8.32
C VAL D 108 12.78 33.51 -9.85
N SER D 109 11.64 33.90 -10.43
CA SER D 109 11.47 33.81 -11.88
C SER D 109 12.43 34.73 -12.62
N SER D 110 12.87 35.82 -12.00
CA SER D 110 13.79 36.73 -12.67
C SER D 110 15.22 36.21 -12.66
N VAL D 111 15.48 35.09 -12.00
CA VAL D 111 16.80 34.50 -11.89
C VAL D 111 16.87 33.13 -12.55
N VAL D 112 15.96 32.23 -12.20
CA VAL D 112 16.04 30.85 -12.65
C VAL D 112 15.35 30.69 -13.99
N ASP D 113 15.59 29.55 -14.65
CA ASP D 113 14.99 29.27 -15.94
C ASP D 113 13.77 28.37 -15.82
N VAL D 114 13.75 27.51 -14.82
CA VAL D 114 12.68 26.53 -14.64
C VAL D 114 12.23 26.57 -13.20
N LEU D 115 10.93 26.71 -13.00
CA LEU D 115 10.35 26.58 -11.67
C LEU D 115 9.97 25.12 -11.42
N GLN D 116 9.96 24.74 -10.14
CA GLN D 116 9.56 23.38 -9.77
C GLN D 116 8.66 23.43 -8.56
N THR D 117 7.53 22.73 -8.62
CA THR D 117 6.65 22.63 -7.46
C THR D 117 6.89 21.30 -6.74
N PRO D 118 7.14 21.32 -5.44
CA PRO D 118 7.41 20.08 -4.71
C PRO D 118 6.19 19.18 -4.64
N ALA D 119 6.46 17.88 -4.43
CA ALA D 119 5.41 16.87 -4.50
C ALA D 119 4.29 17.14 -3.51
N PHE D 120 4.62 17.67 -2.32
CA PHE D 120 3.59 17.85 -1.30
C PHE D 120 2.63 18.98 -1.62
N LEU D 121 2.89 19.78 -2.66
CA LEU D 121 2.02 20.88 -3.03
C LEU D 121 1.19 20.59 -4.28
N CYS D 122 1.27 19.37 -4.84
CA CYS D 122 0.65 19.11 -6.14
C CYS D 122 -0.86 19.30 -6.13
N ARG D 123 -1.52 19.14 -4.98
CA ARG D 123 -2.97 19.33 -4.91
C ARG D 123 -3.38 20.77 -4.60
N GLN D 124 -2.44 21.69 -4.39
CA GLN D 124 -2.78 23.09 -4.14
C GLN D 124 -3.00 23.80 -5.47
N THR D 125 -4.22 23.66 -6.02
CA THR D 125 -4.50 24.14 -7.37
C THR D 125 -4.27 25.64 -7.48
N ASN D 126 -4.74 26.39 -6.49
CA ASN D 126 -4.56 27.83 -6.54
CA ASN D 126 -4.56 27.84 -6.40
C ASN D 126 -3.09 28.22 -6.58
N PHE D 127 -2.23 27.53 -5.85
CA PHE D 127 -0.80 27.82 -5.88
C PHE D 127 -0.17 27.34 -7.19
N ILE D 128 -0.56 26.16 -7.66
CA ILE D 128 -0.07 25.67 -8.96
C ILE D 128 -0.43 26.66 -10.06
N GLN D 129 -1.64 27.22 -10.02
CA GLN D 129 -2.05 28.16 -11.05
C GLN D 129 -1.22 29.44 -11.00
N LYS D 130 -0.88 29.91 -9.80
CA LYS D 130 -0.02 31.09 -9.69
C LYS D 130 1.37 30.81 -10.26
N VAL D 131 1.90 29.60 -10.03
CA VAL D 131 3.21 29.26 -10.57
C VAL D 131 3.16 29.24 -12.10
N ALA D 132 2.12 28.61 -12.66
CA ALA D 132 1.99 28.53 -14.11
C ALA D 132 1.76 29.91 -14.73
N ALA D 133 1.19 30.84 -13.98
CA ALA D 133 0.94 32.18 -14.52
C ALA D 133 2.22 32.98 -14.75
N MET D 134 3.36 32.48 -14.26
CA MET D 134 4.63 33.16 -14.49
C MET D 134 5.13 33.01 -15.91
N ASN D 135 4.49 32.16 -16.72
CA ASN D 135 4.87 31.94 -18.12
C ASN D 135 6.31 31.49 -18.23
N LYS D 136 6.74 30.67 -17.29
CA LYS D 136 8.02 30.00 -17.29
C LYS D 136 7.81 28.49 -17.34
N PRO D 137 8.85 27.73 -17.68
CA PRO D 137 8.74 26.27 -17.57
C PRO D 137 8.54 25.86 -16.12
N VAL D 138 7.71 24.83 -15.92
CA VAL D 138 7.41 24.32 -14.58
C VAL D 138 7.57 22.81 -14.57
N ASN D 139 8.41 22.30 -13.67
CA ASN D 139 8.48 20.88 -13.37
C ASN D 139 7.56 20.62 -12.18
N ILE D 140 6.40 20.01 -12.44
CA ILE D 140 5.40 19.73 -11.41
C ILE D 140 5.62 18.31 -10.92
N LYS D 141 6.07 18.15 -9.67
CA LYS D 141 6.33 16.82 -9.13
C LYS D 141 5.02 16.20 -8.65
N LYS D 142 4.85 14.91 -8.96
CA LYS D 142 3.67 14.17 -8.57
CA LYS D 142 3.66 14.18 -8.57
C LYS D 142 3.78 13.72 -7.13
N GLY D 143 2.78 14.07 -6.31
CA GLY D 143 2.80 13.64 -4.92
C GLY D 143 2.71 12.14 -4.79
N GLN D 144 3.42 11.61 -3.78
CA GLN D 144 3.42 10.17 -3.51
C GLN D 144 2.04 9.65 -3.12
N PHE D 145 1.07 10.54 -2.89
CA PHE D 145 -0.30 10.19 -2.54
C PHE D 145 -1.25 10.32 -3.73
N LEU D 146 -0.73 10.53 -4.93
CA LEU D 146 -1.55 10.77 -6.10
C LEU D 146 -1.57 9.54 -7.00
N ALA D 147 -2.71 9.22 -7.51
CA ALA D 147 -2.81 8.26 -8.59
C ALA D 147 -2.46 8.96 -9.90
N PRO D 148 -1.91 8.22 -10.88
CA PRO D 148 -1.52 8.87 -12.15
C PRO D 148 -2.66 9.62 -12.83
N TRP D 149 -3.88 9.08 -12.83
CA TRP D 149 -4.97 9.80 -13.47
C TRP D 149 -5.28 11.11 -12.78
N GLU D 150 -4.94 11.27 -11.49
CA GLU D 150 -5.15 12.55 -10.85
C GLU D 150 -4.12 13.57 -11.30
N MET D 151 -2.97 13.12 -11.79
CA MET D 151 -1.94 14.04 -12.26
C MET D 151 -2.37 14.76 -13.53
N LYS D 152 -3.18 14.10 -14.36
CA LYS D 152 -3.73 14.75 -15.54
C LYS D 152 -4.52 15.99 -15.16
N HIS D 153 -5.34 15.92 -14.11
CA HIS D 153 -6.13 17.07 -13.70
C HIS D 153 -5.25 18.16 -13.12
N VAL D 154 -4.23 17.78 -12.35
CA VAL D 154 -3.28 18.76 -11.82
C VAL D 154 -2.56 19.46 -12.96
N ILE D 155 -2.05 18.68 -13.92
CA ILE D 155 -1.33 19.25 -15.05
C ILE D 155 -2.29 20.04 -15.94
N ALA D 156 -3.50 19.52 -16.15
CA ALA D 156 -4.47 20.20 -17.00
C ALA D 156 -4.83 21.57 -16.44
N LYS D 157 -5.03 21.67 -15.13
CA LYS D 157 -5.36 22.98 -14.58
C LYS D 157 -4.20 23.95 -14.73
N ALA D 158 -2.96 23.46 -14.64
CA ALA D 158 -1.81 24.33 -14.83
C ALA D 158 -1.69 24.81 -16.27
N LYS D 159 -2.07 23.98 -17.25
CA LYS D 159 -1.97 24.33 -18.65
C LYS D 159 -3.22 25.02 -19.20
N ALA D 160 -4.26 25.19 -18.38
CA ALA D 160 -5.55 25.61 -18.93
C ALA D 160 -5.52 27.00 -19.55
N GLN D 161 -4.53 27.83 -19.21
CA GLN D 161 -4.45 29.19 -19.73
C GLN D 161 -3.26 29.38 -20.65
N GLY D 162 -2.74 28.31 -21.23
CA GLY D 162 -1.81 28.44 -22.34
C GLY D 162 -0.34 28.21 -22.05
N ASN D 163 0.06 28.00 -20.80
CA ASN D 163 1.47 27.73 -20.50
C ASN D 163 1.87 26.40 -21.15
N GLU D 164 2.64 26.49 -22.24
CA GLU D 164 3.05 25.31 -23.00
C GLU D 164 4.38 24.75 -22.56
N GLN D 165 4.85 25.07 -21.36
CA GLN D 165 6.12 24.56 -20.86
C GLN D 165 5.94 23.84 -19.52
N ILE D 166 4.86 23.09 -19.38
CA ILE D 166 4.59 22.33 -18.16
C ILE D 166 5.11 20.91 -18.37
N MET D 167 5.75 20.36 -17.35
CA MET D 167 6.22 18.98 -17.35
C MET D 167 5.65 18.26 -16.15
N ALA D 168 5.57 16.94 -16.25
CA ALA D 168 5.09 16.07 -15.17
C ALA D 168 6.24 15.20 -14.68
N CYS D 169 6.55 15.29 -13.39
CA CYS D 169 7.71 14.60 -12.82
C CYS D 169 7.24 13.51 -11.85
N GLU D 170 7.60 12.27 -12.15
CA GLU D 170 7.24 11.11 -11.35
C GLU D 170 8.29 10.87 -10.28
N ARG D 171 7.87 10.66 -9.02
CA ARG D 171 8.82 10.46 -7.93
C ARG D 171 8.48 9.25 -7.04
N GLY D 172 7.57 8.38 -7.48
CA GLY D 172 7.21 7.25 -6.66
C GLY D 172 5.90 7.48 -5.93
N VAL D 173 5.26 6.38 -5.53
CA VAL D 173 4.02 6.44 -4.77
CA VAL D 173 4.00 6.40 -4.79
C VAL D 173 4.17 5.60 -3.52
N SER D 174 3.49 6.04 -2.46
CA SER D 174 3.56 5.37 -1.17
C SER D 174 3.15 3.91 -1.29
N PHE D 175 3.91 3.04 -0.63
CA PHE D 175 3.69 1.59 -0.63
C PHE D 175 3.82 1.13 0.82
N GLY D 176 2.71 1.08 1.55
CA GLY D 176 2.80 0.78 2.96
C GLY D 176 3.51 1.89 3.72
N TYR D 177 4.17 1.52 4.81
CA TYR D 177 4.92 2.48 5.60
C TYR D 177 6.38 2.57 5.13
N ASN D 178 6.88 3.81 5.04
CA ASN D 178 8.31 4.08 4.84
C ASN D 178 8.85 3.37 3.60
N ASN D 179 8.12 3.49 2.50
CA ASN D 179 8.49 2.79 1.28
C ASN D 179 7.82 3.48 0.11
N LEU D 180 8.60 3.73 -0.94
CA LEU D 180 8.07 4.25 -2.19
C LEU D 180 8.28 3.22 -3.27
N VAL D 181 7.28 3.01 -4.11
CA VAL D 181 7.40 2.09 -5.23
C VAL D 181 7.29 2.89 -6.51
N SER D 182 8.04 2.48 -7.51
CA SER D 182 8.03 3.15 -8.81
C SER D 182 7.11 2.35 -9.73
N ASP D 183 5.85 2.77 -9.85
CA ASP D 183 4.89 2.12 -10.75
C ASP D 183 5.14 2.63 -12.16
N MET D 184 5.78 1.79 -12.99
CA MET D 184 6.16 2.22 -14.32
C MET D 184 4.96 2.53 -15.20
N ARG D 185 3.76 2.05 -14.83
CA ARG D 185 2.57 2.39 -15.60
C ARG D 185 2.32 3.89 -15.62
N SER D 186 2.69 4.60 -14.55
CA SER D 186 2.44 6.04 -14.51
C SER D 186 3.23 6.79 -15.58
N LEU D 187 4.41 6.29 -15.93
CA LEU D 187 5.17 6.93 -17.00
C LEU D 187 4.39 6.90 -18.30
N VAL D 188 3.57 5.85 -18.49
CA VAL D 188 2.76 5.72 -19.69
C VAL D 188 1.48 6.54 -19.58
N ILE D 189 0.79 6.43 -18.44
CA ILE D 189 -0.47 7.14 -18.26
C ILE D 189 -0.28 8.64 -18.40
N MET D 190 0.78 9.18 -17.78
CA MET D 190 0.96 10.62 -17.76
C MET D 190 1.33 11.21 -19.12
N ARG D 191 1.67 10.37 -20.11
CA ARG D 191 1.81 10.90 -21.47
C ARG D 191 0.53 11.55 -21.94
N GLU D 192 -0.61 11.13 -21.37
CA GLU D 192 -1.92 11.67 -21.75
C GLU D 192 -2.13 13.11 -21.32
N THR D 193 -1.29 13.65 -20.44
CA THR D 193 -1.35 15.08 -20.15
C THR D 193 -0.93 15.92 -21.34
N GLY D 194 -0.29 15.33 -22.35
CA GLY D 194 0.29 16.11 -23.42
C GLY D 194 1.55 16.85 -23.04
N CYS D 195 2.27 16.39 -22.02
CA CYS D 195 3.46 17.02 -21.50
C CYS D 195 4.60 16.03 -21.46
N PRO D 196 5.84 16.51 -21.48
CA PRO D 196 6.97 15.61 -21.23
C PRO D 196 6.87 15.03 -19.83
N VAL D 197 7.15 13.73 -19.72
CA VAL D 197 7.21 13.02 -18.45
C VAL D 197 8.66 12.95 -18.02
N VAL D 198 8.95 13.43 -16.81
CA VAL D 198 10.29 13.41 -16.23
C VAL D 198 10.32 12.41 -15.08
N TYR D 199 11.41 11.65 -15.00
CA TYR D 199 11.55 10.60 -14.00
C TYR D 199 12.60 11.00 -12.97
N ASP D 200 12.18 11.05 -11.71
CA ASP D 200 13.05 11.30 -10.56
C ASP D 200 13.65 9.96 -10.12
N ALA D 201 14.89 9.69 -10.55
CA ALA D 201 15.53 8.41 -10.29
C ALA D 201 16.14 8.30 -8.90
N THR D 202 16.31 9.42 -8.20
CA THR D 202 16.98 9.42 -6.91
C THR D 202 16.01 9.57 -5.74
N HIS D 203 14.72 9.77 -6.01
CA HIS D 203 13.71 9.91 -4.99
C HIS D 203 12.65 8.82 -5.07
N SER D 204 12.62 8.04 -6.17
CA SER D 204 11.66 6.95 -6.28
C SER D 204 11.99 5.79 -5.34
N VAL D 205 13.16 5.81 -4.70
CA VAL D 205 13.51 4.81 -3.70
C VAL D 205 13.28 5.32 -2.28
N GLN D 206 13.62 6.58 -2.03
CA GLN D 206 13.64 7.23 -0.69
C GLN D 206 12.89 6.51 0.45
N GLN D 218 19.83 1.21 -0.49
CA GLN D 218 18.77 1.68 -1.38
C GLN D 218 19.32 2.47 -2.58
N ARG D 219 20.63 2.75 -2.60
CA ARG D 219 21.20 3.45 -3.74
C ARG D 219 21.44 2.52 -4.92
N GLU D 220 21.75 1.25 -4.64
CA GLU D 220 21.94 0.24 -5.66
C GLU D 220 20.82 0.23 -6.70
N PHE D 221 19.62 0.66 -6.32
CA PHE D 221 18.48 0.60 -7.22
C PHE D 221 18.39 1.81 -8.13
N ILE D 222 19.11 2.90 -7.85
CA ILE D 222 19.00 4.09 -8.70
C ILE D 222 19.31 3.79 -10.15
N PRO D 223 20.44 3.17 -10.51
CA PRO D 223 20.68 2.87 -11.93
C PRO D 223 19.66 1.90 -12.52
N ALA D 224 19.27 0.88 -11.77
CA ALA D 224 18.29 -0.09 -12.24
C ALA D 224 16.96 0.57 -12.56
N LEU D 225 16.46 1.42 -11.65
CA LEU D 225 15.18 2.06 -11.87
C LEU D 225 15.26 3.07 -13.00
N ALA D 226 16.42 3.73 -13.16
CA ALA D 226 16.58 4.66 -14.28
C ALA D 226 16.56 3.91 -15.60
N ARG D 227 17.22 2.75 -15.67
CA ARG D 227 17.19 1.95 -16.90
C ARG D 227 15.76 1.58 -17.23
N ALA D 228 15.00 1.12 -16.22
CA ALA D 228 13.61 0.73 -16.42
C ALA D 228 12.81 1.89 -17.01
N ALA D 229 12.89 3.06 -16.36
CA ALA D 229 12.11 4.20 -16.82
C ALA D 229 12.46 4.59 -18.24
N VAL D 230 13.76 4.60 -18.56
CA VAL D 230 14.19 4.98 -19.90
C VAL D 230 13.72 3.94 -20.92
N ALA D 231 13.73 2.66 -20.56
CA ALA D 231 13.24 1.63 -21.46
C ALA D 231 11.74 1.71 -21.66
N VAL D 232 11.00 2.11 -20.63
CA VAL D 232 9.56 2.34 -20.79
C VAL D 232 9.32 3.49 -21.76
N GLY D 233 10.16 4.52 -21.70
CA GLY D 233 10.00 5.68 -22.54
C GLY D 233 9.65 6.92 -21.72
N ILE D 234 10.60 7.85 -21.60
CA ILE D 234 10.40 9.11 -20.89
C ILE D 234 11.02 10.25 -21.71
N SER D 235 10.79 11.48 -21.25
CA SER D 235 11.35 12.66 -21.88
C SER D 235 12.64 13.14 -21.24
N GLY D 236 12.76 13.01 -19.92
CA GLY D 236 13.90 13.54 -19.21
C GLY D 236 14.14 12.81 -17.91
N LEU D 237 15.35 12.98 -17.38
CA LEU D 237 15.74 12.42 -16.10
C LEU D 237 15.99 13.53 -15.09
N PHE D 238 15.62 13.25 -13.84
CA PHE D 238 15.85 14.13 -12.70
C PHE D 238 16.70 13.38 -11.69
N MET D 239 17.83 13.96 -11.30
CA MET D 239 18.75 13.23 -10.44
C MET D 239 19.43 14.15 -9.45
N GLU D 240 19.50 13.70 -8.21
CA GLU D 240 20.27 14.37 -7.18
C GLU D 240 21.68 13.78 -7.21
N THR D 241 22.68 14.63 -7.40
CA THR D 241 24.04 14.13 -7.42
C THR D 241 24.92 15.04 -6.60
N HIS D 242 25.78 14.45 -5.78
CA HIS D 242 26.75 15.16 -4.95
C HIS D 242 28.07 14.40 -4.91
N PRO D 243 29.21 15.10 -4.91
CA PRO D 243 30.49 14.41 -4.69
C PRO D 243 30.70 14.05 -3.21
N ASN D 254 19.52 10.00 -0.88
CA ASN D 254 19.68 9.03 -1.97
C ASN D 254 20.26 9.70 -3.23
N SER D 255 21.37 10.40 -3.07
CA SER D 255 22.02 11.04 -4.20
C SER D 255 22.95 10.08 -4.93
N TRP D 256 23.17 10.35 -6.21
CA TRP D 256 24.10 9.54 -7.00
C TRP D 256 25.45 10.22 -7.03
N PRO D 257 26.56 9.51 -6.81
CA PRO D 257 27.87 10.19 -6.80
C PRO D 257 28.22 10.78 -8.16
N LEU D 258 28.85 11.95 -8.11
CA LEU D 258 29.18 12.69 -9.33
C LEU D 258 30.13 11.90 -10.25
N ASP D 259 31.09 11.18 -9.68
CA ASP D 259 32.04 10.45 -10.51
C ASP D 259 31.48 9.16 -11.08
N LYS D 260 30.23 8.81 -10.79
CA LYS D 260 29.58 7.68 -11.44
C LYS D 260 28.46 8.10 -12.39
N MET D 261 28.22 9.41 -12.58
CA MET D 261 27.12 9.84 -13.41
C MET D 261 27.32 9.45 -14.88
N LYS D 262 28.57 9.57 -15.36
CA LYS D 262 28.84 9.39 -16.78
C LYS D 262 28.63 7.95 -17.22
N GLN D 263 29.12 6.97 -16.45
CA GLN D 263 28.89 5.57 -16.80
C GLN D 263 27.40 5.27 -16.84
N LEU D 264 26.66 5.80 -15.87
CA LEU D 264 25.21 5.57 -15.83
C LEU D 264 24.54 6.19 -17.03
N LEU D 265 24.85 7.46 -17.32
CA LEU D 265 24.20 8.15 -18.43
C LEU D 265 24.50 7.46 -19.75
N GLU D 266 25.71 6.92 -19.91
CA GLU D 266 26.06 6.20 -21.12
C GLU D 266 25.15 4.99 -21.31
N SER D 267 24.90 4.23 -20.25
CA SER D 267 24.02 3.07 -20.37
C SER D 267 22.59 3.50 -20.61
N LEU D 268 22.19 4.66 -20.07
CA LEU D 268 20.82 5.13 -20.31
C LEU D 268 20.62 5.55 -21.76
N LYS D 269 21.64 6.14 -22.39
CA LYS D 269 21.49 6.54 -23.78
C LYS D 269 21.34 5.33 -24.69
N ALA D 270 22.04 4.25 -24.38
CA ALA D 270 21.89 3.03 -25.16
C ALA D 270 20.50 2.44 -24.99
N ALA D 271 19.99 2.39 -23.76
CA ALA D 271 18.63 1.94 -23.55
C ALA D 271 17.61 2.89 -24.19
N ASP D 272 17.89 4.20 -24.18
CA ASP D 272 16.96 5.15 -24.80
C ASP D 272 16.91 4.98 -26.32
N GLU D 273 18.06 4.72 -26.95
CA GLU D 273 18.05 4.51 -28.39
C GLU D 273 17.24 3.28 -28.75
N VAL D 274 17.37 2.22 -27.93
CA VAL D 274 16.61 1.01 -28.20
C VAL D 274 15.12 1.26 -28.03
N TYR D 275 14.74 2.04 -27.01
CA TYR D 275 13.32 2.36 -26.82
C TYR D 275 12.79 3.13 -28.03
N LYS D 276 13.54 4.12 -28.50
CA LYS D 276 13.06 4.94 -29.61
C LYS D 276 13.02 4.15 -30.91
N LYS D 277 13.91 3.18 -31.11
CA LYS D 277 13.94 2.43 -32.36
C LYS D 277 12.68 1.60 -32.56
N TYR D 278 12.19 0.97 -31.50
CA TYR D 278 11.04 0.08 -31.58
C TYR D 278 9.75 0.70 -31.08
N SER D 279 9.79 1.96 -30.67
CA SER D 279 8.63 2.58 -30.03
C SER D 279 7.42 2.59 -30.95
N THR D 280 6.28 2.23 -30.39
CA THR D 280 4.98 2.43 -31.02
C THR D 280 4.20 3.55 -30.35
N ASP D 281 4.82 4.28 -29.43
CA ASP D 281 4.14 5.31 -28.65
C ASP D 281 4.12 6.68 -29.32
N PHE D 282 4.93 6.87 -30.35
CA PHE D 282 4.80 8.05 -31.20
C PHE D 282 4.84 7.60 -32.65
#